data_8OEL
#
_entry.id   8OEL
#
loop_
_entity.id
_entity.type
_entity.pdbx_description
1 polymer 'Replication factor A'
2 polymer 'RPA32 subunit of the hetero-oligomeric complex involved in homologous recombination'
3 polymer 'RPA14 subunit of the hetero-oligomeric complex involved in homologous recombination'
4 polymer 'poly dT'
5 non-polymer 'ZINC ION'
#
loop_
_entity_poly.entity_id
_entity_poly.type
_entity_poly.pdbx_seq_one_letter_code
_entity_poly.pdbx_strand_id
1 'polypeptide(L)'
;MSVLTKDRIIEIIERKTGMSREEIEEEIRKIMEEDPYLSEQGAAALLAERLGIDLIEKEEVSLMRISELYPGMDPREVNV
VGRVLKKYPPREYTRKDGSVGRVASLIIYDDSGRARVVLWDAKVSEYYNKIEVGDVIKVLDAQVKESLSGLPELHINFRA
RIILNPDDPRVEMIPPLEEVRVATYTRKKIKDIEAGDRFVEVRGTIAKVYRVLTYDACPECKKKVDYDEGLGVWICPEHG
EVQPIKMTILDFGLDDGTGYIRVTLFGDDAEELLGVSPEEIAEKIKELEESGLTTKEAARKLAEDEFYNIIGREIVVRGN
VIEDRFLGLILRASSWEDVDYRREIERIKEELEKLGVM
;
A,D
2 'polypeptide(L)'
;MSKKRMPATRLYIKDILEGYFVKSEGDFEPNYLITKYARKVYRAKIVGTVVREPLIAEDETYGKFQVDDGTGVIWVLGFR
DDTKFAKLVRKGDLVQVIGKIAEWRDDKQILVEGVSKVHPNMWILHRYETLKEKIEHIKKAKIALEIYNQYGITAKSKVI
AKNKGIEEELLEVIDELYGIMMEERSIEEPMEELLEEEIPEEKEENELLEKAKEDILNILRQKRTAISRKYILKKLGDKY
DEETIDDAITELLAQGEIYEPETGYYKLL
;
B,H
3 'polypeptide(L)'
;GTGDGSEVQVRRRKPAVERKISEIREEDTRVSLIGRVIKVDKMDYMFWLDDGTGVAIIESESDLPKVGQVVRVIGRIIRN
EEGIHIYAEVIQDFSDADLEALEEIRELERKLLPRLEGEIVW
;
C,I
4 'polydeoxyribonucleotide'
;(DT)(DT)(DT)(DT)(DT)(DT)(DT)(DT)(DT)(DT)(DT)(DT)(DT)(DT)(DT)(DT)(DT)(DT)(DT)(DT)
(DT)(DT)(DT)(DT)(DT)(DT)(DT)(DT)(DT)(DT)(DT)(DT)(DT)(DT)(DT)(DT)(DT)(DT)(DT)(DT)
(DT)(DT)(DT)(DT)(DT)(DT)(DT)(DT)(DT)(DT)(DT)(DT)(DT)(DT)(DT)(DT)(DT)(DT)(DT)(DT)
(DT)(DT)(DT)(DT)(DT)(DT)(DT)(DT)(DT)(DT)(DT)(DT)(DT)(DT)(DT)(DT)(DT)(DT)(DT)(DT)
(DT)(DT)(DT)(DT)(DT)(DT)(DT)(DT)(DT)(DT)(DT)(DT)(DT)(DT)(DT)(DT)(DT)(DT)(DT)(DT)
;
T
#
loop_
_chem_comp.id
_chem_comp.type
_chem_comp.name
_chem_comp.formula
DT DNA linking THYMIDINE-5'-MONOPHOSPHATE 'C10 H15 N2 O8 P'
ZN non-polymer 'ZINC ION' 'Zn 2'
#
# COMPACT_ATOMS: atom_id res chain seq x y z
N SER A 62 55.45 45.75 -5.17
CA SER A 62 54.14 45.18 -5.41
C SER A 62 53.13 46.32 -5.40
N LEU A 63 52.04 46.15 -6.13
CA LEU A 63 50.93 47.11 -6.07
C LEU A 63 49.85 46.61 -5.08
N MET A 64 50.01 45.42 -4.47
CA MET A 64 48.99 44.82 -3.61
C MET A 64 48.48 45.72 -2.52
N ARG A 65 47.17 45.69 -2.33
CA ARG A 65 46.52 46.46 -1.29
C ARG A 65 45.90 45.54 -0.26
N ILE A 66 45.66 46.07 0.94
CA ILE A 66 44.99 45.36 2.00
C ILE A 66 43.61 44.84 1.57
N SER A 67 42.88 45.60 0.75
CA SER A 67 41.56 45.19 0.23
C SER A 67 41.64 43.93 -0.62
N GLU A 68 42.82 43.61 -1.16
CA GLU A 68 43.03 42.41 -2.00
C GLU A 68 43.40 41.15 -1.21
N LEU A 69 43.67 41.28 0.09
CA LEU A 69 43.99 40.11 0.90
C LEU A 69 42.75 39.22 1.04
N TYR A 70 42.96 37.91 1.06
CA TYR A 70 41.87 36.96 1.30
C TYR A 70 42.40 35.78 2.11
N PRO A 71 41.59 35.22 3.00
CA PRO A 71 42.07 34.09 3.83
C PRO A 71 42.60 32.92 3.01
N GLY A 72 43.75 32.39 3.40
CA GLY A 72 44.33 31.26 2.70
C GLY A 72 45.06 31.62 1.42
N MET A 73 45.24 32.94 1.13
CA MET A 73 46.02 33.32 -0.05
C MET A 73 47.48 32.89 0.16
N ASP A 74 48.21 32.67 -0.91
CA ASP A 74 49.61 32.24 -0.84
C ASP A 74 50.44 33.27 -0.08
N PRO A 75 51.05 32.89 1.07
CA PRO A 75 51.90 33.86 1.80
C PRO A 75 53.01 34.47 0.95
N ARG A 76 53.47 33.75 -0.09
CA ARG A 76 54.51 34.28 -1.01
C ARG A 76 54.00 35.50 -1.79
N GLU A 77 52.69 35.62 -1.99
CA GLU A 77 52.11 36.76 -2.69
C GLU A 77 51.88 37.96 -1.73
N VAL A 78 51.85 37.73 -0.42
CA VAL A 78 51.53 38.75 0.55
C VAL A 78 52.61 39.81 0.62
N ASN A 79 52.28 41.02 0.21
CA ASN A 79 53.22 42.14 0.21
C ASN A 79 52.36 43.39 0.31
N VAL A 80 52.16 43.89 1.54
CA VAL A 80 51.32 45.07 1.73
C VAL A 80 52.02 46.04 2.64
N VAL A 81 51.62 47.30 2.60
CA VAL A 81 52.13 48.31 3.51
C VAL A 81 50.93 48.90 4.25
N GLY A 82 51.17 49.42 5.43
CA GLY A 82 50.12 50.05 6.18
C GLY A 82 50.68 50.95 7.25
N ARG A 83 49.94 52.02 7.57
CA ARG A 83 50.30 52.87 8.70
C ARG A 83 49.63 52.27 9.94
N VAL A 84 50.35 52.27 11.08
CA VAL A 84 49.84 51.71 12.32
C VAL A 84 48.83 52.66 12.97
N LEU A 85 47.62 52.18 13.14
CA LEU A 85 46.54 52.94 13.72
C LEU A 85 46.39 52.63 15.21
N LYS A 86 46.57 51.36 15.57
CA LYS A 86 46.39 50.90 16.95
C LYS A 86 47.40 49.84 17.30
N LYS A 87 47.81 49.81 18.57
N LYS A 87 47.77 49.78 18.59
CA LYS A 87 48.69 48.77 19.09
CA LYS A 87 48.70 48.79 19.10
C LYS A 87 48.05 48.30 20.39
C LYS A 87 48.15 48.29 20.43
N TYR A 88 47.81 47.00 20.50
CA TYR A 88 47.25 46.42 21.72
C TYR A 88 48.36 45.80 22.58
N PRO A 89 48.15 45.57 23.89
CA PRO A 89 49.25 45.03 24.70
C PRO A 89 49.57 43.59 24.32
N PRO A 90 50.84 43.19 24.44
CA PRO A 90 51.18 41.78 24.25
C PRO A 90 50.50 40.96 25.35
N ARG A 91 50.12 39.75 25.01
CA ARG A 91 49.37 38.79 25.82
CA ARG A 91 49.50 38.85 25.95
C ARG A 91 50.10 37.45 25.85
N GLU A 92 49.72 36.58 26.78
CA GLU A 92 50.22 35.22 26.79
C GLU A 92 49.12 34.35 26.20
N TYR A 93 49.50 33.23 25.61
CA TYR A 93 48.54 32.26 25.12
C TYR A 93 49.10 30.85 25.44
N THR A 94 48.24 29.87 25.56
CA THR A 94 48.63 28.50 25.86
C THR A 94 48.71 27.67 24.59
N ARG A 95 49.83 26.98 24.39
CA ARG A 95 50.07 26.11 23.22
C ARG A 95 49.46 24.74 23.46
N LYS A 96 49.28 23.99 22.37
CA LYS A 96 48.78 22.64 22.41
C LYS A 96 49.64 21.74 23.30
N ASP A 97 50.95 21.99 23.38
CA ASP A 97 51.83 21.20 24.23
C ASP A 97 51.84 21.62 25.71
N GLY A 98 51.06 22.63 26.08
CA GLY A 98 51.01 23.08 27.46
C GLY A 98 51.91 24.27 27.79
N SER A 99 52.86 24.59 26.91
CA SER A 99 53.75 25.73 27.14
C SER A 99 52.97 27.06 26.94
N VAL A 100 53.57 28.19 27.34
CA VAL A 100 52.97 29.50 27.21
C VAL A 100 53.79 30.35 26.23
N GLY A 101 53.12 30.92 25.25
CA GLY A 101 53.76 31.79 24.28
C GLY A 101 53.29 33.22 24.41
N ARG A 102 53.74 34.09 23.50
CA ARG A 102 53.30 35.48 23.49
C ARG A 102 52.64 35.78 22.16
N VAL A 103 51.69 36.72 22.19
CA VAL A 103 51.02 37.17 20.98
C VAL A 103 50.66 38.65 21.17
N ALA A 104 50.79 39.46 20.12
CA ALA A 104 50.44 40.88 20.23
C ALA A 104 49.76 41.32 18.95
N SER A 105 48.74 42.19 19.04
CA SER A 105 48.02 42.62 17.83
C SER A 105 48.12 44.13 17.58
N LEU A 106 48.11 44.49 16.30
CA LEU A 106 48.12 45.88 15.85
C LEU A 106 47.04 46.02 14.80
N ILE A 107 46.62 47.25 14.53
CA ILE A 107 45.72 47.53 13.43
C ILE A 107 46.49 48.44 12.49
N ILE A 108 46.56 48.08 11.21
CA ILE A 108 47.22 48.92 10.21
C ILE A 108 46.21 49.26 9.10
N TYR A 109 46.51 50.27 8.29
CA TYR A 109 45.63 50.61 7.17
C TYR A 109 46.45 51.18 6.02
N ASP A 110 45.98 50.96 4.79
CA ASP A 110 46.59 51.61 3.64
C ASP A 110 45.52 52.49 2.98
N ASP A 111 45.70 52.87 1.73
CA ASP A 111 44.70 53.66 1.00
C ASP A 111 43.42 52.88 0.68
N SER A 112 43.38 51.56 0.94
CA SER A 112 42.27 50.69 0.59
C SER A 112 41.44 50.12 1.75
N GLY A 113 42.01 50.01 2.95
CA GLY A 113 41.31 49.38 4.06
C GLY A 113 42.22 49.10 5.23
N ARG A 114 41.70 48.41 6.25
CA ARG A 114 42.42 48.09 7.47
C ARG A 114 42.62 46.60 7.64
N ALA A 115 43.64 46.22 8.41
CA ALA A 115 43.87 44.82 8.70
C ALA A 115 44.44 44.69 10.10
N ARG A 116 44.05 43.64 10.80
CA ARG A 116 44.67 43.31 12.07
C ARG A 116 45.99 42.58 11.71
N VAL A 117 47.05 42.91 12.40
CA VAL A 117 48.35 42.26 12.25
C VAL A 117 48.64 41.55 13.56
N VAL A 118 48.80 40.22 13.52
CA VAL A 118 49.05 39.45 14.74
C VAL A 118 50.50 38.95 14.80
N LEU A 119 51.29 39.47 15.75
CA LEU A 119 52.69 39.06 15.95
C LEU A 119 52.74 37.86 16.89
N TRP A 120 53.36 36.77 16.44
CA TRP A 120 53.44 35.56 17.25
C TRP A 120 54.82 35.31 17.81
N ASP A 121 54.86 35.00 19.10
CA ASP A 121 56.04 34.51 19.81
C ASP A 121 57.31 35.35 19.60
N ALA A 122 58.41 34.83 19.00
CA ALA A 122 59.62 35.66 18.81
C ALA A 122 59.40 36.90 17.96
N LYS A 123 58.34 36.92 17.11
CA LYS A 123 58.05 38.14 16.33
C LYS A 123 57.61 39.31 17.22
N VAL A 124 57.06 39.01 18.41
CA VAL A 124 56.70 40.04 19.37
C VAL A 124 58.00 40.68 19.88
N SER A 125 58.95 39.87 20.37
CA SER A 125 60.22 40.38 20.87
C SER A 125 60.99 41.09 19.76
N GLU A 126 60.95 40.55 18.55
CA GLU A 126 61.68 41.11 17.42
C GLU A 126 61.15 42.48 16.96
N TYR A 127 59.81 42.65 16.87
CA TYR A 127 59.25 43.88 16.31
C TYR A 127 58.38 44.77 17.14
N TYR A 128 57.67 44.22 18.12
CA TYR A 128 56.64 44.95 18.86
C TYR A 128 57.07 46.33 19.41
N ASN A 129 58.19 46.39 20.13
CA ASN A 129 58.65 47.68 20.69
C ASN A 129 59.19 48.63 19.60
N LYS A 130 59.63 48.08 18.46
CA LYS A 130 60.13 48.91 17.37
C LYS A 130 59.02 49.66 16.62
N ILE A 131 57.78 49.16 16.68
CA ILE A 131 56.65 49.77 15.99
C ILE A 131 55.90 50.81 16.83
N GLU A 132 55.46 51.94 16.26
CA GLU A 132 54.63 52.91 17.00
C GLU A 132 53.50 53.46 16.09
N VAL A 133 52.45 53.98 16.69
CA VAL A 133 51.31 54.53 15.97
C VAL A 133 51.74 55.66 15.03
N GLY A 134 51.34 55.59 13.77
CA GLY A 134 51.77 56.57 12.78
C GLY A 134 52.90 56.04 11.93
N ASP A 135 53.68 55.05 12.42
CA ASP A 135 54.74 54.44 11.63
C ASP A 135 54.09 53.62 10.51
N VAL A 136 54.82 53.39 9.44
CA VAL A 136 54.36 52.54 8.35
C VAL A 136 55.17 51.25 8.41
N ILE A 137 54.54 50.10 8.21
CA ILE A 137 55.24 48.83 8.14
C ILE A 137 54.92 48.19 6.80
N LYS A 138 55.84 47.35 6.33
CA LYS A 138 55.63 46.54 5.15
C LYS A 138 55.58 45.12 5.68
N VAL A 139 54.58 44.34 5.25
CA VAL A 139 54.40 42.97 5.70
C VAL A 139 54.61 42.02 4.56
N LEU A 140 55.48 41.00 4.76
CA LEU A 140 55.78 40.04 3.71
C LEU A 140 55.60 38.64 4.19
N ASP A 141 55.15 37.73 3.31
CA ASP A 141 55.11 36.31 3.62
C ASP A 141 54.27 35.93 4.85
N ALA A 142 53.23 36.73 5.16
CA ALA A 142 52.38 36.43 6.30
C ALA A 142 51.27 35.51 5.89
N GLN A 143 50.72 34.72 6.81
CA GLN A 143 49.55 33.90 6.50
C GLN A 143 48.34 34.83 6.67
N VAL A 144 47.33 34.65 5.83
CA VAL A 144 46.12 35.44 5.94
C VAL A 144 45.01 34.58 6.48
N LYS A 145 44.42 35.05 7.57
CA LYS A 145 43.31 34.32 8.20
C LYS A 145 42.06 35.15 8.21
N GLU A 146 40.93 34.47 8.41
CA GLU A 146 39.66 35.16 8.52
C GLU A 146 39.50 35.56 9.98
N SER A 147 39.24 36.83 10.24
CA SER A 147 39.02 37.31 11.59
C SER A 147 37.65 36.80 12.09
N LEU A 148 37.36 36.99 13.38
CA LEU A 148 36.05 36.64 13.93
C LEU A 148 34.90 37.45 13.26
N SER A 149 35.21 38.57 12.57
CA SER A 149 34.18 39.33 11.85
C SER A 149 34.17 39.08 10.33
N GLY A 150 34.83 38.03 9.87
CA GLY A 150 34.87 37.66 8.45
C GLY A 150 35.87 38.42 7.61
N LEU A 151 36.76 39.22 8.22
CA LEU A 151 37.72 40.05 7.48
C LEU A 151 39.17 39.47 7.51
N PRO A 152 39.97 39.72 6.46
CA PRO A 152 41.38 39.25 6.49
C PRO A 152 42.25 39.85 7.62
N GLU A 153 43.10 39.02 8.29
CA GLU A 153 44.09 39.36 9.31
C GLU A 153 45.43 38.80 8.85
N LEU A 154 46.51 39.50 9.16
CA LEU A 154 47.87 39.12 8.77
C LEU A 154 48.58 38.47 9.94
N HIS A 155 48.94 37.21 9.81
CA HIS A 155 49.61 36.49 10.90
C HIS A 155 51.12 36.44 10.71
N ILE A 156 51.85 37.09 11.62
CA ILE A 156 53.30 37.19 11.53
C ILE A 156 53.93 36.07 12.37
N ASN A 157 54.17 34.92 11.69
CA ASN A 157 54.79 33.74 12.28
C ASN A 157 56.29 33.65 11.84
N PHE A 158 57.00 32.52 12.13
CA PHE A 158 58.41 32.33 11.79
C PHE A 158 58.76 32.73 10.37
N ARG A 159 57.87 32.42 9.42
CA ARG A 159 58.12 32.68 8.01
C ARG A 159 57.98 34.14 7.61
N ALA A 160 57.16 34.87 8.31
CA ALA A 160 56.82 36.24 7.91
C ALA A 160 57.90 37.27 8.21
N ARG A 161 57.89 38.42 7.53
CA ARG A 161 58.85 39.48 7.77
C ARG A 161 58.13 40.81 7.83
N ILE A 162 58.71 41.75 8.55
CA ILE A 162 58.17 43.09 8.63
C ILE A 162 59.33 44.03 8.39
N ILE A 163 59.10 45.05 7.59
CA ILE A 163 60.07 46.10 7.33
C ILE A 163 59.50 47.36 7.93
N LEU A 164 60.23 47.95 8.85
CA LEU A 164 59.79 49.18 9.52
C LEU A 164 60.12 50.36 8.65
N ASN A 165 59.14 51.27 8.49
CA ASN A 165 59.21 52.46 7.63
C ASN A 165 59.90 52.17 6.29
N PRO A 166 59.23 51.35 5.46
CA PRO A 166 59.85 50.91 4.21
C PRO A 166 59.99 52.01 3.17
N ASP A 167 60.85 51.74 2.17
CA ASP A 167 61.05 52.58 0.99
C ASP A 167 60.17 51.92 -0.04
N ASP A 168 58.95 52.44 -0.25
CA ASP A 168 57.99 51.82 -1.14
C ASP A 168 57.07 52.90 -1.71
N PRO A 169 56.77 52.86 -3.02
CA PRO A 169 55.91 53.89 -3.62
C PRO A 169 54.50 54.00 -3.03
N ARG A 170 53.99 52.90 -2.43
CA ARG A 170 52.64 52.94 -1.82
C ARG A 170 52.58 53.79 -0.56
N VAL A 171 53.71 53.99 0.13
CA VAL A 171 53.72 54.72 1.39
C VAL A 171 53.12 56.14 1.27
N GLU A 172 53.50 56.88 0.22
CA GLU A 172 52.96 58.25 0.03
C GLU A 172 51.45 58.30 -0.22
N MET A 173 50.85 57.17 -0.60
N MET A 173 50.86 57.18 -0.60
CA MET A 173 49.42 57.07 -0.85
CA MET A 173 49.43 57.10 -0.86
C MET A 173 48.60 56.83 0.42
C MET A 173 48.59 56.80 0.42
N ILE A 174 49.24 56.47 1.54
CA ILE A 174 48.52 56.16 2.78
C ILE A 174 48.14 57.43 3.48
N THR A 186 19.17 40.07 5.54
CA THR A 186 18.20 41.12 5.21
C THR A 186 17.14 40.65 4.20
N ARG A 187 15.88 40.97 4.49
CA ARG A 187 14.75 40.61 3.65
C ARG A 187 14.81 41.33 2.32
N LYS A 188 14.92 40.58 1.23
CA LYS A 188 14.96 41.16 -0.11
C LYS A 188 14.03 40.39 -1.03
N LYS A 189 13.22 41.10 -1.87
CA LYS A 189 12.34 40.45 -2.86
C LYS A 189 13.20 39.86 -4.00
N ILE A 190 12.81 38.71 -4.59
CA ILE A 190 13.59 38.05 -5.67
C ILE A 190 13.86 39.00 -6.85
N LYS A 191 12.92 39.91 -7.12
CA LYS A 191 13.09 40.89 -8.20
C LYS A 191 14.26 41.86 -7.98
N ASP A 192 14.67 42.05 -6.71
CA ASP A 192 15.75 42.96 -6.34
C ASP A 192 17.11 42.26 -6.17
N ILE A 193 17.13 40.91 -6.04
CA ILE A 193 18.33 40.10 -5.87
C ILE A 193 19.34 40.24 -7.00
N GLU A 194 20.64 40.34 -6.66
CA GLU A 194 21.74 40.42 -7.61
C GLU A 194 22.78 39.28 -7.43
N ALA A 195 23.64 39.07 -8.44
CA ALA A 195 24.66 38.02 -8.37
C ALA A 195 25.69 38.42 -7.35
N GLY A 196 26.07 37.45 -6.54
CA GLY A 196 27.03 37.66 -5.46
C GLY A 196 26.43 38.19 -4.17
N ASP A 197 25.08 38.25 -4.10
CA ASP A 197 24.41 38.77 -2.92
C ASP A 197 24.71 37.91 -1.71
N ARG A 198 24.97 38.55 -0.56
CA ARG A 198 25.29 37.86 0.67
C ARG A 198 24.21 38.14 1.71
N PHE A 199 23.98 37.16 2.62
CA PHE A 199 23.00 37.21 3.75
C PHE A 199 21.62 37.73 3.33
N VAL A 200 21.03 37.03 2.36
CA VAL A 200 19.73 37.41 1.87
C VAL A 200 18.65 36.49 2.46
N GLU A 201 17.55 37.07 2.93
CA GLU A 201 16.46 36.29 3.48
C GLU A 201 15.34 36.41 2.49
N VAL A 202 14.84 35.26 2.00
CA VAL A 202 13.76 35.23 1.02
C VAL A 202 12.64 34.28 1.47
N ARG A 203 11.39 34.79 1.51
CA ARG A 203 10.23 33.96 1.87
C ARG A 203 9.45 33.67 0.61
N GLY A 204 9.27 32.40 0.31
CA GLY A 204 8.56 31.97 -0.89
C GLY A 204 8.07 30.52 -0.91
N THR A 205 7.46 30.14 -2.03
CA THR A 205 6.87 28.81 -2.22
C THR A 205 7.84 27.91 -2.97
N ILE A 206 7.98 26.63 -2.54
CA ILE A 206 8.77 25.65 -3.29
C ILE A 206 8.00 25.39 -4.56
N ALA A 207 8.59 25.70 -5.74
CA ALA A 207 7.92 25.60 -7.04
C ALA A 207 8.36 24.41 -7.91
N LYS A 208 9.60 23.94 -7.74
CA LYS A 208 10.12 22.86 -8.58
C LYS A 208 11.15 22.04 -7.81
N VAL A 209 11.28 20.73 -8.12
CA VAL A 209 12.32 19.92 -7.49
C VAL A 209 13.20 19.34 -8.59
N TYR A 210 14.42 19.90 -8.74
CA TYR A 210 15.40 19.48 -9.77
C TYR A 210 16.08 18.13 -9.48
N ARG A 211 16.72 17.98 -8.31
CA ARG A 211 17.45 16.75 -8.00
C ARG A 211 17.62 16.50 -6.51
N VAL A 212 17.55 15.21 -6.15
CA VAL A 212 17.71 14.71 -4.79
C VAL A 212 18.67 13.54 -4.89
N LEU A 213 19.79 13.64 -4.17
CA LEU A 213 20.82 12.61 -4.19
C LEU A 213 21.74 12.70 -2.95
N THR A 214 22.52 11.65 -2.70
CA THR A 214 23.49 11.63 -1.61
C THR A 214 24.86 11.20 -2.15
N TYR A 215 25.95 11.81 -1.63
CA TYR A 215 27.33 11.49 -2.03
C TYR A 215 28.19 11.24 -0.78
N ASP A 216 29.28 10.47 -0.91
CA ASP A 216 30.16 10.22 0.23
C ASP A 216 31.04 11.46 0.42
N ALA A 217 31.01 12.06 1.62
CA ALA A 217 31.74 13.27 1.93
C ALA A 217 32.72 13.13 3.11
N CYS A 218 33.74 13.99 3.17
CA CYS A 218 34.68 14.00 4.27
C CYS A 218 33.99 14.62 5.45
N PRO A 219 34.13 14.04 6.65
CA PRO A 219 33.49 14.62 7.83
C PRO A 219 34.06 15.99 8.28
N GLU A 220 35.25 16.36 7.80
CA GLU A 220 35.86 17.62 8.16
C GLU A 220 35.56 18.74 7.18
N CYS A 221 35.95 18.57 5.92
CA CYS A 221 35.76 19.61 4.91
C CYS A 221 34.44 19.48 4.13
N LYS A 222 33.71 18.35 4.30
CA LYS A 222 32.44 18.05 3.64
C LYS A 222 32.57 17.93 2.11
N LYS A 223 33.79 17.71 1.60
CA LYS A 223 34.01 17.56 0.16
C LYS A 223 33.89 16.10 -0.24
N LYS A 224 33.60 15.84 -1.53
CA LYS A 224 33.43 14.49 -2.07
C LYS A 224 34.69 13.63 -1.87
N VAL A 225 34.54 12.40 -1.31
CA VAL A 225 35.68 11.50 -1.08
C VAL A 225 35.75 10.43 -2.15
N ASP A 226 36.97 9.98 -2.47
CA ASP A 226 37.17 8.99 -3.51
C ASP A 226 37.48 7.61 -2.92
N TYR A 227 36.85 6.55 -3.47
CA TYR A 227 37.12 5.20 -2.98
C TYR A 227 38.28 4.59 -3.76
N ASP A 228 39.36 4.20 -3.05
CA ASP A 228 40.53 3.59 -3.67
C ASP A 228 40.40 2.05 -3.65
N GLU A 229 40.23 1.41 -4.82
CA GLU A 229 40.08 -0.05 -4.91
C GLU A 229 41.34 -0.85 -4.60
N GLY A 230 42.50 -0.22 -4.74
CA GLY A 230 43.77 -0.89 -4.45
C GLY A 230 43.99 -1.05 -2.95
N LEU A 231 43.63 -0.03 -2.17
CA LEU A 231 43.81 -0.03 -0.71
C LEU A 231 42.54 -0.33 0.10
N GLY A 232 41.39 -0.26 -0.54
CA GLY A 232 40.10 -0.50 0.10
C GLY A 232 39.67 0.58 1.07
N VAL A 233 40.22 1.79 0.94
CA VAL A 233 39.92 2.88 1.86
C VAL A 233 39.30 4.12 1.18
N TRP A 234 38.73 5.06 1.97
CA TRP A 234 38.18 6.29 1.42
C TRP A 234 39.19 7.42 1.59
N ILE A 235 39.53 8.11 0.49
CA ILE A 235 40.53 9.16 0.48
C ILE A 235 39.97 10.53 0.18
N CYS A 236 40.19 11.45 1.11
CA CYS A 236 39.84 12.85 0.98
C CYS A 236 41.10 13.53 0.49
N PRO A 237 41.02 14.33 -0.57
CA PRO A 237 42.23 15.00 -1.07
C PRO A 237 42.89 15.95 -0.06
N GLU A 238 42.14 16.43 0.94
CA GLU A 238 42.66 17.35 1.94
C GLU A 238 43.03 16.66 3.24
N HIS A 239 42.29 15.61 3.64
CA HIS A 239 42.53 14.98 4.93
C HIS A 239 43.02 13.52 4.88
N GLY A 240 43.22 12.99 3.69
CA GLY A 240 43.72 11.62 3.51
C GLY A 240 42.69 10.54 3.79
N GLU A 241 43.11 9.45 4.44
CA GLU A 241 42.20 8.35 4.75
C GLU A 241 41.16 8.75 5.79
N VAL A 242 39.91 8.86 5.37
CA VAL A 242 38.83 9.28 6.26
C VAL A 242 37.66 8.29 6.26
N GLN A 243 36.77 8.40 7.28
CA GLN A 243 35.55 7.62 7.37
C GLN A 243 34.47 8.49 6.74
N PRO A 244 33.92 8.06 5.61
CA PRO A 244 32.93 8.90 4.90
C PRO A 244 31.57 9.00 5.57
N ILE A 245 30.95 10.17 5.41
CA ILE A 245 29.61 10.45 5.89
C ILE A 245 28.70 10.72 4.67
N LYS A 246 27.41 10.33 4.74
CA LYS A 246 26.51 10.55 3.60
C LYS A 246 25.97 11.97 3.61
N MET A 247 26.25 12.74 2.55
CA MET A 247 25.79 14.12 2.46
C MET A 247 24.63 14.26 1.45
N THR A 248 23.50 14.81 1.92
CA THR A 248 22.32 14.98 1.09
C THR A 248 22.37 16.31 0.30
N ILE A 249 21.97 16.28 -1.00
CA ILE A 249 21.89 17.47 -1.85
C ILE A 249 20.49 17.64 -2.34
N LEU A 250 19.90 18.80 -2.07
CA LEU A 250 18.54 19.10 -2.51
C LEU A 250 18.52 20.36 -3.38
N ASP A 251 18.18 20.19 -4.68
CA ASP A 251 18.11 21.31 -5.58
C ASP A 251 16.65 21.55 -5.95
N PHE A 252 16.17 22.76 -5.71
CA PHE A 252 14.77 23.12 -5.95
C PHE A 252 14.64 24.60 -6.36
N GLY A 253 13.43 25.06 -6.64
CA GLY A 253 13.19 26.45 -6.99
C GLY A 253 12.28 27.11 -5.97
N LEU A 254 12.38 28.43 -5.84
CA LEU A 254 11.55 29.14 -4.88
C LEU A 254 10.94 30.35 -5.52
N ASP A 255 9.64 30.56 -5.30
CA ASP A 255 8.92 31.70 -5.88
C ASP A 255 8.31 32.63 -4.84
N ASP A 256 8.55 33.95 -4.95
CA ASP A 256 7.98 34.88 -3.97
C ASP A 256 6.89 35.82 -4.50
N GLY A 257 6.43 35.61 -5.73
CA GLY A 257 5.38 36.47 -6.30
C GLY A 257 5.89 37.63 -7.14
N THR A 258 7.17 38.00 -6.92
CA THR A 258 7.92 39.03 -7.67
C THR A 258 9.12 38.43 -8.44
N GLY A 259 9.43 37.15 -8.26
CA GLY A 259 10.53 36.51 -8.97
C GLY A 259 10.69 35.03 -8.68
N TYR A 260 11.62 34.35 -9.36
CA TYR A 260 11.90 32.94 -9.14
C TYR A 260 13.40 32.73 -8.97
N ILE A 261 13.86 31.91 -7.99
CA ILE A 261 15.30 31.65 -7.79
C ILE A 261 15.61 30.16 -7.49
N ARG A 262 16.71 29.62 -8.02
CA ARG A 262 17.07 28.22 -7.75
C ARG A 262 17.69 28.18 -6.36
N VAL A 263 17.46 27.10 -5.59
CA VAL A 263 17.95 26.93 -4.22
C VAL A 263 18.63 25.56 -4.00
N THR A 264 19.74 25.53 -3.26
CA THR A 264 20.44 24.30 -2.93
C THR A 264 20.64 24.18 -1.40
N LEU A 265 20.20 23.04 -0.83
CA LEU A 265 20.35 22.74 0.59
C LEU A 265 21.29 21.55 0.77
N PHE A 266 22.05 21.52 1.88
CA PHE A 266 23.01 20.44 2.10
C PHE A 266 22.86 19.77 3.45
N GLY A 267 23.14 18.47 3.46
CA GLY A 267 23.13 17.59 4.63
C GLY A 267 21.94 17.63 5.55
N ASP A 268 22.18 18.04 6.78
CA ASP A 268 21.20 18.11 7.85
C ASP A 268 20.02 19.03 7.51
N ASP A 269 20.26 20.18 6.84
CA ASP A 269 19.18 21.09 6.43
C ASP A 269 18.27 20.44 5.38
N ALA A 270 18.89 19.73 4.43
CA ALA A 270 18.17 19.07 3.36
C ALA A 270 17.39 17.87 3.90
N GLU A 271 18.00 17.09 4.81
CA GLU A 271 17.37 15.91 5.42
C GLU A 271 16.15 16.32 6.24
N GLU A 272 16.22 17.49 6.91
CA GLU A 272 15.17 18.07 7.74
C GLU A 272 13.98 18.44 6.87
N LEU A 273 14.24 19.02 5.70
CA LEU A 273 13.19 19.40 4.77
C LEU A 273 12.59 18.21 4.06
N LEU A 274 13.42 17.25 3.68
CA LEU A 274 12.95 16.06 2.98
C LEU A 274 12.22 15.07 3.87
N GLY A 275 12.61 14.99 5.13
CA GLY A 275 12.00 14.05 6.06
C GLY A 275 12.31 12.60 5.76
N VAL A 276 13.46 12.35 5.13
CA VAL A 276 13.96 11.02 4.81
C VAL A 276 15.46 10.97 5.13
N SER A 277 15.95 9.84 5.69
CA SER A 277 17.36 9.69 6.04
C SER A 277 18.28 9.60 4.81
N PRO A 278 19.54 10.11 4.88
CA PRO A 278 20.45 10.01 3.73
C PRO A 278 20.78 8.58 3.33
N GLU A 279 20.78 7.64 4.29
CA GLU A 279 21.03 6.23 4.03
C GLU A 279 19.90 5.62 3.19
N GLU A 280 18.64 6.04 3.46
CA GLU A 280 17.45 5.61 2.74
C GLU A 280 17.48 6.18 1.31
N ILE A 281 17.92 7.44 1.14
CA ILE A 281 18.04 8.09 -0.17
C ILE A 281 19.12 7.37 -1.00
N ALA A 282 20.25 7.00 -0.37
CA ALA A 282 21.33 6.27 -1.04
C ALA A 282 20.85 4.94 -1.57
N GLU A 283 19.99 4.24 -0.81
CA GLU A 283 19.42 2.96 -1.21
C GLU A 283 18.52 3.11 -2.44
N LYS A 284 17.69 4.16 -2.47
CA LYS A 284 16.79 4.44 -3.58
C LYS A 284 17.56 4.87 -4.84
N ILE A 285 18.67 5.61 -4.66
CA ILE A 285 19.54 6.02 -5.77
C ILE A 285 20.19 4.77 -6.39
N LYS A 286 20.64 3.82 -5.53
CA LYS A 286 21.24 2.56 -5.95
C LYS A 286 20.27 1.73 -6.79
N GLU A 287 19.00 1.65 -6.37
CA GLU A 287 17.97 0.90 -7.09
C GLU A 287 17.76 1.47 -8.50
N LEU A 288 17.77 2.80 -8.61
CA LEU A 288 17.57 3.49 -9.87
C LEU A 288 18.78 3.30 -10.80
N GLU A 289 19.99 3.36 -10.24
CA GLU A 289 21.22 3.18 -11.03
C GLU A 289 21.34 1.75 -11.57
N GLU A 290 20.94 0.75 -10.76
CA GLU A 290 20.94 -0.65 -11.16
C GLU A 290 20.05 -0.88 -12.37
N SER A 291 18.95 -0.11 -12.50
CA SER A 291 18.00 -0.21 -13.61
C SER A 291 18.51 0.32 -14.96
N GLY A 292 19.69 0.94 -14.97
CA GLY A 292 20.27 1.46 -16.20
C GLY A 292 20.33 2.97 -16.28
N LEU A 293 20.16 3.65 -15.15
CA LEU A 293 20.22 5.11 -15.12
C LEU A 293 21.58 5.56 -14.56
N THR A 294 22.07 6.72 -15.03
CA THR A 294 23.33 7.27 -14.51
C THR A 294 23.01 7.98 -13.15
N THR A 295 24.03 8.49 -12.47
CA THR A 295 23.85 9.22 -11.22
C THR A 295 22.98 10.47 -11.45
N LYS A 296 23.23 11.18 -12.57
CA LYS A 296 22.50 12.39 -12.97
C LYS A 296 20.99 12.11 -13.18
N GLU A 297 20.69 11.03 -13.94
CA GLU A 297 19.35 10.59 -14.28
C GLU A 297 18.58 10.09 -13.05
N ALA A 298 19.26 9.34 -12.18
CA ALA A 298 18.65 8.81 -10.98
C ALA A 298 18.28 9.93 -9.99
N ALA A 299 19.12 10.98 -9.89
CA ALA A 299 18.86 12.11 -8.99
C ALA A 299 17.62 12.92 -9.40
N ARG A 300 17.43 13.13 -10.71
CA ARG A 300 16.27 13.87 -11.21
C ARG A 300 15.01 13.03 -11.03
N LYS A 301 15.09 11.72 -11.31
CA LYS A 301 13.95 10.81 -11.16
C LYS A 301 13.42 10.70 -9.71
N LEU A 302 14.32 10.57 -8.72
CA LEU A 302 13.95 10.46 -7.31
C LEU A 302 13.28 11.75 -6.81
N ALA A 303 13.72 12.90 -7.31
CA ALA A 303 13.14 14.18 -6.93
C ALA A 303 11.69 14.27 -7.43
N GLU A 304 11.42 13.83 -8.67
CA GLU A 304 10.08 13.86 -9.25
C GLU A 304 9.16 12.79 -8.70
N ASP A 305 9.67 11.59 -8.49
CA ASP A 305 8.84 10.46 -8.05
C ASP A 305 8.52 10.39 -6.58
N GLU A 306 9.44 10.81 -5.71
CA GLU A 306 9.23 10.65 -4.28
C GLU A 306 9.17 11.96 -3.48
N PHE A 307 9.85 12.99 -3.97
CA PHE A 307 9.88 14.24 -3.25
C PHE A 307 9.10 15.37 -3.88
N TYR A 308 8.11 15.04 -4.72
CA TYR A 308 7.21 16.02 -5.33
C TYR A 308 6.25 16.62 -4.32
N ASN A 309 5.98 15.91 -3.20
CA ASN A 309 5.12 16.35 -2.11
C ASN A 309 5.62 17.62 -1.46
N ILE A 310 6.94 17.91 -1.55
CA ILE A 310 7.48 19.11 -0.94
C ILE A 310 7.06 20.39 -1.68
N ILE A 311 6.66 20.28 -2.95
CA ILE A 311 6.27 21.42 -3.76
C ILE A 311 4.98 22.02 -3.23
N GLY A 312 4.91 23.35 -3.20
CA GLY A 312 3.76 24.10 -2.69
C GLY A 312 3.88 24.59 -1.26
N ARG A 313 4.94 24.16 -0.56
CA ARG A 313 5.25 24.51 0.81
C ARG A 313 5.88 25.93 0.90
N GLU A 314 5.38 26.81 1.80
CA GLU A 314 5.95 28.15 2.00
C GLU A 314 7.05 28.08 3.06
N ILE A 315 8.28 28.52 2.70
CA ILE A 315 9.45 28.49 3.59
C ILE A 315 10.26 29.81 3.53
N VAL A 316 11.18 29.99 4.49
CA VAL A 316 12.11 31.12 4.57
C VAL A 316 13.52 30.55 4.41
N VAL A 317 14.23 31.00 3.35
CA VAL A 317 15.59 30.57 3.10
C VAL A 317 16.57 31.72 3.25
N ARG A 318 17.73 31.39 3.78
CA ARG A 318 18.78 32.36 3.98
C ARG A 318 20.04 31.81 3.38
N GLY A 319 20.70 32.63 2.58
CA GLY A 319 21.93 32.22 1.95
C GLY A 319 22.53 33.27 1.08
N ASN A 320 23.58 32.86 0.39
CA ASN A 320 24.31 33.69 -0.55
C ASN A 320 23.96 33.26 -2.00
N VAL A 321 23.84 34.24 -2.91
CA VAL A 321 23.49 34.04 -4.32
C VAL A 321 24.74 33.96 -5.23
N ILE A 322 24.99 32.80 -5.84
CA ILE A 322 26.10 32.66 -6.77
C ILE A 322 25.54 32.62 -8.20
N GLU A 323 26.26 33.16 -9.18
CA GLU A 323 25.76 33.14 -10.57
C GLU A 323 26.42 32.06 -11.43
N ASP A 324 25.65 31.03 -11.78
CA ASP A 324 26.12 29.94 -12.64
C ASP A 324 26.12 30.42 -14.08
N ARG A 325 27.20 30.07 -14.82
CA ARG A 325 27.48 30.46 -16.19
C ARG A 325 26.49 29.98 -17.23
N PHE A 326 25.41 29.31 -16.81
CA PHE A 326 24.30 28.87 -17.65
C PHE A 326 23.02 28.61 -16.87
N LEU A 327 23.13 28.15 -15.60
CA LEU A 327 21.95 27.91 -14.79
C LEU A 327 21.35 29.20 -14.18
N GLY A 328 22.12 30.30 -14.19
CA GLY A 328 21.69 31.59 -13.68
C GLY A 328 21.96 31.73 -12.20
N LEU A 329 21.17 32.56 -11.51
CA LEU A 329 21.34 32.74 -10.07
C LEU A 329 20.92 31.51 -9.26
N ILE A 330 21.83 30.98 -8.45
CA ILE A 330 21.58 29.87 -7.55
C ILE A 330 21.79 30.32 -6.12
N LEU A 331 20.77 30.18 -5.29
CA LEU A 331 20.84 30.55 -3.90
C LEU A 331 21.32 29.36 -3.08
N ARG A 332 22.55 29.44 -2.60
CA ARG A 332 23.13 28.41 -1.76
C ARG A 332 22.60 28.67 -0.33
N ALA A 333 21.52 27.98 0.05
CA ALA A 333 20.92 28.19 1.37
C ALA A 333 21.70 27.55 2.53
N SER A 334 22.18 28.40 3.45
CA SER A 334 22.88 27.97 4.66
C SER A 334 21.91 27.35 5.67
N SER A 335 20.66 27.84 5.67
CA SER A 335 19.58 27.40 6.55
C SER A 335 18.21 27.65 5.90
N TRP A 336 17.22 26.96 6.42
CA TRP A 336 15.83 27.13 6.04
C TRP A 336 15.01 27.04 7.31
N GLU A 337 13.87 27.72 7.33
CA GLU A 337 13.01 27.68 8.50
C GLU A 337 11.57 27.90 8.12
N ASP A 338 10.65 27.50 8.99
CA ASP A 338 9.25 27.72 8.75
C ASP A 338 8.90 29.19 8.85
N VAL A 339 7.91 29.60 8.09
CA VAL A 339 7.48 30.99 8.05
C VAL A 339 6.87 31.44 9.40
N ASP A 340 7.30 32.60 9.91
CA ASP A 340 6.70 33.15 11.11
C ASP A 340 5.59 34.04 10.58
N TYR A 341 4.38 33.53 10.61
CA TYR A 341 3.23 34.22 10.05
C TYR A 341 2.95 35.59 10.64
N ARG A 342 3.13 35.78 11.97
CA ARG A 342 2.89 37.09 12.58
C ARG A 342 3.92 38.13 12.11
N ARG A 343 5.18 37.71 11.93
CA ARG A 343 6.25 38.58 11.44
C ARG A 343 5.94 39.04 10.02
N GLU A 344 5.45 38.10 9.18
CA GLU A 344 5.12 38.37 7.80
C GLU A 344 3.92 39.27 7.68
N ILE A 345 2.89 39.06 8.51
CA ILE A 345 1.70 39.90 8.51
C ILE A 345 2.07 41.35 8.90
N GLU A 346 3.00 41.52 9.86
CA GLU A 346 3.45 42.84 10.29
C GLU A 346 4.17 43.57 9.15
N ARG A 347 4.93 42.84 8.33
CA ARG A 347 5.62 43.43 7.18
C ARG A 347 4.58 43.96 6.19
N ILE A 348 3.50 43.19 5.96
CA ILE A 348 2.40 43.52 5.05
C ILE A 348 1.60 44.72 5.56
N LYS A 349 1.41 44.79 6.88
CA LYS A 349 0.73 45.93 7.50
C LYS A 349 1.52 47.22 7.28
N GLU A 350 2.87 47.13 7.32
CA GLU A 350 3.76 48.27 7.07
C GLU A 350 3.55 48.74 5.64
N GLU A 351 3.46 47.81 4.68
CA GLU A 351 3.27 48.14 3.28
C GLU A 351 1.89 48.77 3.06
N LEU A 352 0.85 48.27 3.75
CA LEU A 352 -0.51 48.79 3.65
C LEU A 352 -0.62 50.19 4.20
N GLU A 353 0.10 50.47 5.28
CA GLU A 353 0.15 51.80 5.87
C GLU A 353 0.78 52.79 4.87
N LYS A 354 1.82 52.35 4.13
CA LYS A 354 2.50 53.15 3.10
C LYS A 354 1.58 53.45 1.91
N LEU A 355 0.61 52.56 1.64
CA LEU A 355 -0.36 52.76 0.57
C LEU A 355 -1.57 53.60 0.97
N GLY A 356 -1.71 53.93 2.25
CA GLY A 356 -2.84 54.73 2.71
C GLY A 356 -4.08 53.93 3.00
N VAL A 357 -3.88 52.71 3.46
CA VAL A 357 -4.99 51.83 3.81
C VAL A 357 -5.31 52.06 5.29
N MET A 358 -4.29 52.04 6.14
CA MET A 358 -4.46 52.26 7.56
C MET A 358 -3.82 53.57 7.99
N LYS B 4 14.63 32.63 -18.84
CA LYS B 4 13.83 33.18 -17.73
C LYS B 4 12.66 32.23 -17.28
N ARG B 5 12.09 32.52 -16.07
CA ARG B 5 10.90 31.91 -15.43
C ARG B 5 10.19 32.99 -14.64
N MET B 6 9.11 33.55 -15.23
CA MET B 6 8.26 34.61 -14.66
C MET B 6 7.59 34.22 -13.29
N PRO B 7 6.99 35.18 -12.52
CA PRO B 7 6.44 34.82 -11.20
C PRO B 7 5.02 34.25 -11.16
N ALA B 8 4.69 33.56 -10.07
CA ALA B 8 3.34 33.05 -9.86
C ALA B 8 2.66 34.15 -9.07
N THR B 9 1.60 34.76 -9.60
CA THR B 9 0.90 35.86 -8.94
C THR B 9 -0.15 35.41 -7.92
N ARG B 10 -0.08 35.94 -6.70
CA ARG B 10 -1.02 35.58 -5.64
C ARG B 10 -2.27 36.33 -5.89
N LEU B 11 -3.37 35.59 -6.12
CA LEU B 11 -4.67 36.17 -6.46
C LEU B 11 -5.83 35.46 -5.80
N TYR B 12 -6.98 36.15 -5.80
CA TYR B 12 -8.23 35.57 -5.37
C TYR B 12 -8.69 34.69 -6.52
N ILE B 13 -9.40 33.59 -6.24
CA ILE B 13 -9.90 32.73 -7.30
C ILE B 13 -10.86 33.51 -8.22
N LYS B 14 -11.64 34.43 -7.64
CA LYS B 14 -12.57 35.31 -8.36
C LYS B 14 -11.86 36.09 -9.47
N ASP B 15 -10.68 36.61 -9.18
CA ASP B 15 -9.90 37.37 -10.15
C ASP B 15 -9.42 36.50 -11.31
N ILE B 16 -9.15 35.21 -11.05
CA ILE B 16 -8.74 34.30 -12.10
C ILE B 16 -9.96 33.99 -12.93
N LEU B 17 -11.08 33.62 -12.30
CA LEU B 17 -12.33 33.26 -12.96
C LEU B 17 -12.88 34.37 -13.85
N GLU B 18 -12.85 35.60 -13.38
CA GLU B 18 -13.34 36.74 -14.15
C GLU B 18 -12.36 37.26 -15.19
N GLY B 19 -11.15 36.72 -15.24
CA GLY B 19 -10.14 37.16 -16.18
C GLY B 19 -10.37 36.80 -17.63
N TYR B 20 -9.46 37.20 -18.49
CA TYR B 20 -9.53 36.94 -19.92
C TYR B 20 -8.33 36.08 -20.28
N PHE B 21 -8.55 34.77 -20.52
CA PHE B 21 -7.45 33.88 -20.87
C PHE B 21 -6.94 34.18 -22.26
N VAL B 22 -5.62 34.17 -22.44
CA VAL B 22 -4.99 34.44 -23.71
C VAL B 22 -4.16 33.26 -24.15
N LYS B 23 -4.59 32.61 -25.25
CA LYS B 23 -3.89 31.47 -25.79
C LYS B 23 -2.82 31.97 -26.72
N SER B 24 -1.59 31.61 -26.43
CA SER B 24 -0.47 31.98 -27.28
C SER B 24 -0.47 31.05 -28.54
N GLU B 25 -0.40 31.62 -29.76
CA GLU B 25 -0.42 30.83 -31.00
C GLU B 25 0.82 29.97 -31.24
N GLY B 26 1.94 30.34 -30.62
CA GLY B 26 3.17 29.59 -30.73
C GLY B 26 3.14 28.34 -29.88
N ASP B 27 3.74 27.26 -30.40
CA ASP B 27 3.83 25.97 -29.71
C ASP B 27 4.74 25.99 -28.45
N PHE B 28 5.55 27.04 -28.31
CA PHE B 28 6.44 27.17 -27.17
C PHE B 28 6.07 28.37 -26.28
N GLU B 29 5.19 29.28 -26.74
CA GLU B 29 4.84 30.46 -25.96
C GLU B 29 3.91 30.14 -24.82
N PRO B 30 4.18 30.68 -23.60
CA PRO B 30 3.29 30.38 -22.45
C PRO B 30 1.95 31.10 -22.53
N ASN B 31 0.91 30.39 -22.11
CA ASN B 31 -0.41 30.99 -22.09
C ASN B 31 -0.46 31.89 -20.86
N TYR B 32 -1.30 32.92 -20.90
CA TYR B 32 -1.43 33.84 -19.77
C TYR B 32 -2.87 34.35 -19.63
N LEU B 33 -3.17 35.06 -18.56
CA LEU B 33 -4.50 35.58 -18.31
C LEU B 33 -4.37 37.06 -18.01
N ILE B 34 -5.35 37.85 -18.42
CA ILE B 34 -5.36 39.27 -18.09
C ILE B 34 -6.56 39.53 -17.22
N THR B 35 -6.35 39.90 -15.96
CA THR B 35 -7.45 40.16 -15.03
C THR B 35 -8.22 41.44 -15.41
N LYS B 36 -9.39 41.67 -14.77
CA LYS B 36 -10.18 42.88 -14.97
C LYS B 36 -9.41 44.16 -14.56
N TYR B 37 -8.38 44.03 -13.74
CA TYR B 37 -7.56 45.17 -13.32
C TYR B 37 -6.26 45.25 -14.10
N ALA B 38 -6.26 44.74 -15.36
CA ALA B 38 -5.11 44.75 -16.28
C ALA B 38 -3.85 44.10 -15.68
N ARG B 39 -4.00 42.92 -15.04
CA ARG B 39 -2.83 42.22 -14.50
C ARG B 39 -2.52 41.01 -15.37
N LYS B 40 -1.32 40.98 -15.96
CA LYS B 40 -0.92 39.86 -16.81
C LYS B 40 -0.38 38.79 -15.90
N VAL B 41 -1.00 37.64 -15.94
CA VAL B 41 -0.68 36.55 -15.04
C VAL B 41 -0.29 35.29 -15.81
N TYR B 42 0.93 34.78 -15.61
CA TYR B 42 1.37 33.56 -16.29
C TYR B 42 1.11 32.36 -15.40
N ARG B 43 1.39 32.51 -14.10
CA ARG B 43 1.18 31.45 -13.10
C ARG B 43 0.34 31.96 -11.93
N ALA B 44 -0.47 31.09 -11.32
CA ALA B 44 -1.30 31.48 -10.19
C ALA B 44 -0.88 30.81 -8.88
N LYS B 45 -1.01 31.54 -7.76
CA LYS B 45 -0.65 31.08 -6.42
C LYS B 45 -1.86 31.38 -5.60
N ILE B 46 -2.64 30.33 -5.22
CA ILE B 46 -3.91 30.43 -4.43
C ILE B 46 -3.91 29.61 -3.13
N VAL B 47 -4.68 30.02 -2.12
CA VAL B 47 -4.79 29.29 -0.84
C VAL B 47 -6.27 29.07 -0.51
N GLY B 48 -6.67 27.79 -0.46
CA GLY B 48 -8.05 27.43 -0.17
C GLY B 48 -8.26 26.06 0.45
N THR B 49 -9.51 25.64 0.56
CA THR B 49 -9.83 24.35 1.12
C THR B 49 -10.24 23.36 0.03
N VAL B 50 -9.79 22.09 0.17
CA VAL B 50 -10.18 21.04 -0.75
C VAL B 50 -11.59 20.69 -0.37
N VAL B 51 -12.56 20.93 -1.25
CA VAL B 51 -13.95 20.76 -0.86
C VAL B 51 -14.54 19.36 -1.11
N ARG B 52 -13.92 18.59 -1.97
CA ARG B 52 -14.41 17.25 -2.29
C ARG B 52 -13.29 16.26 -2.30
N GLU B 53 -13.57 14.96 -2.05
CA GLU B 53 -12.53 13.93 -2.17
C GLU B 53 -12.00 13.93 -3.62
N PRO B 54 -10.69 13.83 -3.84
CA PRO B 54 -10.18 13.96 -5.21
C PRO B 54 -10.82 12.98 -6.22
N LEU B 55 -10.62 13.27 -7.50
CA LEU B 55 -11.14 12.43 -8.57
C LEU B 55 -9.97 11.88 -9.30
N ILE B 56 -9.75 10.58 -9.16
CA ILE B 56 -8.69 9.95 -9.92
C ILE B 56 -9.36 9.08 -10.96
N ALA B 57 -9.05 9.30 -12.26
CA ALA B 57 -9.58 8.48 -13.34
C ALA B 57 -9.04 7.04 -13.11
N GLU B 58 -9.88 6.02 -13.34
CA GLU B 58 -9.51 4.61 -13.14
C GLU B 58 -8.20 4.24 -13.88
N ASP B 59 -8.08 4.74 -15.13
CA ASP B 59 -6.92 4.57 -16.00
C ASP B 59 -5.72 5.46 -15.64
N GLU B 60 -5.81 6.21 -14.54
CA GLU B 60 -4.77 7.10 -14.02
C GLU B 60 -4.23 8.07 -15.06
N THR B 61 -5.07 8.48 -16.00
CA THR B 61 -4.65 9.45 -17.00
C THR B 61 -4.74 10.89 -16.48
N TYR B 62 -5.66 11.14 -15.53
CA TYR B 62 -5.80 12.45 -14.93
C TYR B 62 -6.29 12.33 -13.52
N GLY B 63 -5.96 13.33 -12.73
CA GLY B 63 -6.34 13.44 -11.33
C GLY B 63 -6.70 14.89 -11.08
N LYS B 64 -7.79 15.11 -10.37
CA LYS B 64 -8.23 16.47 -10.08
C LYS B 64 -8.85 16.66 -8.67
N PHE B 65 -8.84 17.91 -8.18
CA PHE B 65 -9.37 18.24 -6.86
C PHE B 65 -9.87 19.69 -6.88
N GLN B 66 -10.85 19.99 -6.04
CA GLN B 66 -11.47 21.30 -6.04
C GLN B 66 -11.00 22.19 -4.90
N VAL B 67 -10.73 23.46 -5.19
CA VAL B 67 -10.28 24.38 -4.15
C VAL B 67 -11.21 25.61 -4.03
N ASP B 68 -11.66 25.88 -2.79
CA ASP B 68 -12.49 27.05 -2.53
C ASP B 68 -11.77 28.02 -1.59
N ASP B 69 -11.68 29.30 -1.96
CA ASP B 69 -11.03 30.30 -1.13
C ASP B 69 -11.95 31.34 -0.54
N GLY B 70 -13.24 31.21 -0.76
CA GLY B 70 -14.21 32.18 -0.26
C GLY B 70 -14.69 33.16 -1.32
N THR B 71 -13.79 33.50 -2.26
CA THR B 71 -14.14 34.38 -3.39
C THR B 71 -14.45 33.59 -4.68
N GLY B 72 -14.15 32.30 -4.72
CA GLY B 72 -14.42 31.49 -5.89
C GLY B 72 -14.04 30.05 -5.71
N VAL B 73 -14.49 29.22 -6.65
CA VAL B 73 -14.17 27.79 -6.63
C VAL B 73 -13.52 27.40 -7.94
N ILE B 74 -12.33 26.76 -7.89
CA ILE B 74 -11.61 26.36 -9.10
C ILE B 74 -11.11 24.88 -9.07
N TRP B 75 -11.00 24.28 -10.26
CA TRP B 75 -10.51 22.91 -10.35
C TRP B 75 -9.02 22.92 -10.55
N VAL B 76 -8.33 21.95 -9.96
CA VAL B 76 -6.89 21.81 -10.08
C VAL B 76 -6.54 20.45 -10.67
N LEU B 77 -5.86 20.46 -11.83
CA LEU B 77 -5.58 19.25 -12.59
C LEU B 77 -4.17 18.87 -12.82
N GLY B 78 -3.93 17.57 -12.68
CA GLY B 78 -2.65 16.93 -12.88
C GLY B 78 -2.85 15.75 -13.80
N PHE B 79 -2.04 15.66 -14.90
CA PHE B 79 -2.17 14.63 -15.93
C PHE B 79 -1.03 13.62 -15.96
N ARG B 80 -1.33 12.37 -16.33
CA ARG B 80 -0.38 11.28 -16.46
C ARG B 80 0.18 10.83 -15.09
N ASP B 81 1.46 11.09 -14.82
CA ASP B 81 2.08 10.80 -13.53
C ASP B 81 1.80 11.93 -12.59
N ASP B 82 1.58 13.20 -13.10
CA ASP B 82 1.18 14.36 -12.30
C ASP B 82 -0.12 14.13 -11.52
N THR B 83 -0.87 13.06 -11.85
CA THR B 83 -2.03 12.63 -11.06
C THR B 83 -1.67 12.46 -9.56
N LYS B 84 -0.38 12.24 -9.25
CA LYS B 84 0.20 12.09 -7.92
C LYS B 84 -0.13 13.23 -7.01
N PHE B 85 -0.21 14.46 -7.57
CA PHE B 85 -0.56 15.69 -6.86
C PHE B 85 -1.97 15.60 -6.26
N ALA B 86 -2.91 15.08 -7.04
CA ALA B 86 -4.28 14.92 -6.58
C ALA B 86 -4.38 13.83 -5.52
N LYS B 87 -3.54 12.79 -5.58
CA LYS B 87 -3.55 11.72 -4.59
C LYS B 87 -3.10 12.22 -3.22
N LEU B 88 -2.21 13.25 -3.19
CA LEU B 88 -1.67 13.82 -1.96
C LEU B 88 -2.73 14.42 -1.07
N VAL B 89 -3.71 15.11 -1.67
CA VAL B 89 -4.71 15.81 -0.90
C VAL B 89 -5.95 14.94 -0.63
N ARG B 90 -6.77 15.40 0.29
CA ARG B 90 -7.97 14.76 0.75
C ARG B 90 -9.02 15.83 1.02
N LYS B 91 -10.29 15.45 1.12
CA LYS B 91 -11.37 16.41 1.38
C LYS B 91 -11.16 17.06 2.69
N GLY B 92 -11.20 18.38 2.71
CA GLY B 92 -11.04 19.12 3.95
C GLY B 92 -9.69 19.77 4.16
N ASP B 93 -8.66 19.36 3.43
CA ASP B 93 -7.33 19.92 3.59
C ASP B 93 -7.26 21.40 3.21
N LEU B 94 -6.55 22.18 3.98
CA LEU B 94 -6.36 23.60 3.70
C LEU B 94 -5.03 23.63 2.96
N VAL B 95 -5.01 24.01 1.69
CA VAL B 95 -3.79 23.92 0.88
C VAL B 95 -3.42 25.21 0.13
N GLN B 96 -2.15 25.29 -0.29
CA GLN B 96 -1.62 26.36 -1.14
C GLN B 96 -1.29 25.70 -2.47
N VAL B 97 -1.78 26.29 -3.56
CA VAL B 97 -1.56 25.76 -4.90
C VAL B 97 -0.85 26.76 -5.80
N ILE B 98 0.18 26.26 -6.53
CA ILE B 98 0.90 27.03 -7.56
C ILE B 98 0.78 26.24 -8.88
N GLY B 99 0.53 26.93 -9.98
CA GLY B 99 0.44 26.25 -11.27
C GLY B 99 0.19 27.18 -12.41
N LYS B 100 0.03 26.60 -13.60
CA LYS B 100 -0.25 27.41 -14.78
C LYS B 100 -1.74 27.54 -14.94
N ILE B 101 -2.22 28.72 -15.29
CA ILE B 101 -3.63 28.94 -15.56
C ILE B 101 -3.98 28.29 -16.93
N ALA B 102 -5.07 27.56 -16.98
CA ALA B 102 -5.57 26.93 -18.20
C ALA B 102 -7.05 27.25 -18.38
N GLU B 103 -7.57 27.12 -19.60
CA GLU B 103 -8.99 27.36 -19.85
C GLU B 103 -9.54 26.19 -20.62
N TRP B 104 -10.53 25.54 -20.01
CA TRP B 104 -11.13 24.37 -20.63
C TRP B 104 -12.61 24.54 -20.57
N ARG B 105 -13.26 24.47 -21.74
CA ARG B 105 -14.70 24.66 -21.85
C ARG B 105 -15.11 26.03 -21.34
N ASP B 106 -14.33 27.06 -21.71
CA ASP B 106 -14.49 28.45 -21.30
C ASP B 106 -14.54 28.64 -19.78
N ASP B 107 -13.94 27.71 -19.03
CA ASP B 107 -13.85 27.82 -17.59
C ASP B 107 -12.40 27.76 -17.22
N LYS B 108 -11.92 28.78 -16.47
CA LYS B 108 -10.52 28.82 -16.09
C LYS B 108 -10.25 27.79 -15.03
N GLN B 109 -9.07 27.19 -15.08
CA GLN B 109 -8.64 26.20 -14.11
C GLN B 109 -7.12 26.27 -13.85
N ILE B 110 -6.61 25.47 -12.88
CA ILE B 110 -5.19 25.49 -12.56
C ILE B 110 -4.53 24.15 -12.86
N LEU B 111 -3.51 24.16 -13.71
CA LEU B 111 -2.73 22.98 -14.06
C LEU B 111 -1.68 22.92 -13.00
N VAL B 112 -1.88 22.01 -12.04
CA VAL B 112 -1.05 21.84 -10.86
C VAL B 112 0.43 21.68 -11.18
N GLU B 113 1.24 22.54 -10.56
CA GLU B 113 2.70 22.46 -10.56
C GLU B 113 3.16 22.01 -9.13
N GLY B 114 2.41 22.42 -8.08
CA GLY B 114 2.62 22.04 -6.70
C GLY B 114 1.42 22.30 -5.80
N VAL B 115 1.15 21.36 -4.85
CA VAL B 115 0.07 21.48 -3.85
C VAL B 115 0.55 20.95 -2.49
N SER B 116 0.39 21.76 -1.42
CA SER B 116 0.80 21.31 -0.09
C SER B 116 -0.07 21.90 0.98
N LYS B 117 -0.28 21.12 2.05
CA LYS B 117 -1.08 21.50 3.22
C LYS B 117 -0.45 22.67 3.92
N VAL B 118 -1.28 23.62 4.36
CA VAL B 118 -0.79 24.80 5.06
C VAL B 118 -1.41 25.02 6.43
N HIS B 119 -0.74 25.77 7.30
CA HIS B 119 -1.25 26.10 8.62
C HIS B 119 -2.32 27.14 8.47
N PRO B 120 -3.37 27.17 9.33
CA PRO B 120 -4.41 28.21 9.19
C PRO B 120 -3.90 29.66 9.11
N ASN B 121 -2.75 29.96 9.75
CA ASN B 121 -2.14 31.29 9.71
C ASN B 121 -1.55 31.60 8.34
N MET B 122 -1.22 30.59 7.54
CA MET B 122 -0.80 30.79 6.18
C MET B 122 -1.98 31.29 5.36
N TRP B 123 -3.21 30.76 5.60
CA TRP B 123 -4.41 31.24 4.91
C TRP B 123 -4.62 32.73 5.22
N ILE B 124 -4.38 33.14 6.47
CA ILE B 124 -4.47 34.53 6.90
C ILE B 124 -3.38 35.37 6.20
N LEU B 125 -2.13 34.89 6.20
CA LEU B 125 -1.04 35.57 5.52
C LEU B 125 -1.36 35.77 3.99
N HIS B 126 -1.95 34.74 3.37
CA HIS B 126 -2.34 34.73 1.96
C HIS B 126 -3.34 35.83 1.69
N ARG B 127 -4.34 35.98 2.57
CA ARG B 127 -5.36 36.99 2.38
C ARG B 127 -4.80 38.39 2.48
N TYR B 128 -3.85 38.59 3.41
CA TYR B 128 -3.18 39.86 3.64
C TYR B 128 -2.31 40.23 2.43
N GLU B 129 -1.53 39.27 1.92
CA GLU B 129 -0.68 39.49 0.77
C GLU B 129 -1.49 39.76 -0.48
N THR B 130 -2.60 39.01 -0.67
CA THR B 130 -3.45 39.12 -1.85
C THR B 130 -4.04 40.51 -1.94
N LEU B 131 -4.51 41.03 -0.81
CA LEU B 131 -5.10 42.35 -0.76
C LEU B 131 -4.08 43.45 -0.98
N LYS B 132 -2.89 43.33 -0.36
CA LYS B 132 -1.76 44.28 -0.50
C LYS B 132 -1.36 44.39 -1.98
N GLU B 133 -1.11 43.24 -2.63
CA GLU B 133 -0.70 43.21 -4.02
C GLU B 133 -1.76 43.81 -4.92
N LYS B 134 -3.05 43.52 -4.64
CA LYS B 134 -4.16 44.01 -5.42
C LYS B 134 -4.22 45.53 -5.39
N ILE B 135 -4.09 46.15 -4.21
CA ILE B 135 -4.12 47.61 -4.08
C ILE B 135 -2.94 48.25 -4.83
N GLU B 136 -1.73 47.65 -4.67
CA GLU B 136 -0.49 48.09 -5.32
C GLU B 136 -0.69 48.13 -6.84
N HIS B 137 -1.24 47.05 -7.38
CA HIS B 137 -1.46 46.90 -8.81
C HIS B 137 -2.50 47.87 -9.36
N ILE B 138 -3.66 48.01 -8.68
CA ILE B 138 -4.75 48.89 -9.11
C ILE B 138 -4.33 50.35 -9.21
N LYS B 139 -3.59 50.82 -8.20
CA LYS B 139 -3.12 52.19 -8.20
C LYS B 139 -2.15 52.45 -9.33
N LYS B 140 -1.27 51.48 -9.64
CA LYS B 140 -0.30 51.60 -10.73
C LYS B 140 -1.01 51.54 -12.09
N ALA B 141 -1.99 50.66 -12.22
CA ALA B 141 -2.76 50.51 -13.46
C ALA B 141 -3.62 51.74 -13.74
N LYS B 142 -4.10 52.44 -12.68
CA LYS B 142 -4.93 53.65 -12.83
C LYS B 142 -4.13 54.76 -13.46
N ILE B 143 -2.88 54.94 -13.01
CA ILE B 143 -1.99 55.96 -13.56
C ILE B 143 -1.61 55.60 -15.01
N ALA B 144 -1.32 54.31 -15.27
CA ALA B 144 -0.96 53.79 -16.59
C ALA B 144 -2.11 53.95 -17.60
N LEU B 145 -3.36 53.81 -17.13
CA LEU B 145 -4.55 53.96 -17.97
C LEU B 145 -4.69 55.42 -18.43
N GLU B 146 -4.40 56.38 -17.54
CA GLU B 146 -4.44 57.81 -17.86
C GLU B 146 -3.40 58.15 -18.94
N ILE B 147 -2.20 57.55 -18.82
CA ILE B 147 -1.11 57.73 -19.78
C ILE B 147 -1.55 57.17 -21.14
N TYR B 148 -2.17 55.98 -21.15
CA TYR B 148 -2.65 55.33 -22.36
C TYR B 148 -3.76 56.13 -23.05
N ASN B 149 -4.70 56.69 -22.28
CA ASN B 149 -5.79 57.48 -22.85
C ASN B 149 -5.31 58.81 -23.45
N GLN B 150 -4.24 59.38 -22.88
CA GLN B 150 -3.69 60.64 -23.35
C GLN B 150 -2.69 60.49 -24.51
N TYR B 151 -1.76 59.52 -24.42
CA TYR B 151 -0.72 59.36 -25.43
C TYR B 151 -0.74 58.04 -26.22
N GLY B 152 -1.29 56.98 -25.63
CA GLY B 152 -1.29 55.67 -26.27
C GLY B 152 0.04 54.97 -26.06
N ILE B 153 0.44 54.08 -26.99
CA ILE B 153 1.74 53.40 -26.88
C ILE B 153 2.77 54.07 -27.76
N THR B 154 3.37 55.13 -27.24
CA THR B 154 4.38 55.90 -27.96
C THR B 154 5.70 55.95 -27.15
N ALA B 155 6.80 56.39 -27.78
CA ALA B 155 8.10 56.53 -27.12
C ALA B 155 8.03 57.54 -25.96
N LYS B 156 7.18 58.59 -26.10
CA LYS B 156 6.96 59.62 -25.07
C LYS B 156 6.24 59.04 -23.86
N SER B 157 5.20 58.22 -24.09
CA SER B 157 4.43 57.60 -23.00
C SER B 157 5.25 56.58 -22.21
N LYS B 158 6.21 55.89 -22.86
CA LYS B 158 7.08 54.91 -22.22
C LYS B 158 8.05 55.57 -21.23
N VAL B 159 8.53 56.77 -21.59
CA VAL B 159 9.41 57.55 -20.74
C VAL B 159 8.62 58.05 -19.52
N ILE B 160 7.39 58.55 -19.75
CA ILE B 160 6.50 59.04 -18.69
C ILE B 160 6.13 57.91 -17.71
N ALA B 161 5.88 56.70 -18.26
CA ALA B 161 5.55 55.52 -17.44
C ALA B 161 6.71 55.12 -16.53
N LYS B 162 7.95 55.12 -17.05
CA LYS B 162 9.14 54.78 -16.25
C LYS B 162 9.33 55.77 -15.10
N ASN B 163 9.10 57.07 -15.35
CA ASN B 163 9.22 58.15 -14.35
C ASN B 163 8.24 57.98 -13.20
N LYS B 164 7.05 57.44 -13.49
CA LYS B 164 6.03 57.24 -12.47
C LYS B 164 6.05 55.83 -11.82
N GLY B 165 7.11 55.05 -12.07
CA GLY B 165 7.26 53.71 -11.51
C GLY B 165 6.39 52.65 -12.14
N ILE B 166 6.00 52.85 -13.39
CA ILE B 166 5.16 51.92 -14.14
C ILE B 166 5.99 51.20 -15.21
N GLU B 167 5.84 49.87 -15.29
CA GLU B 167 6.56 49.08 -16.29
C GLU B 167 5.95 49.28 -17.68
N GLU B 168 6.81 49.25 -18.71
CA GLU B 168 6.38 49.43 -20.10
C GLU B 168 5.35 48.37 -20.51
N GLU B 169 5.53 47.14 -20.00
CA GLU B 169 4.65 46.02 -20.28
C GLU B 169 3.20 46.32 -19.89
N LEU B 170 2.99 47.12 -18.82
CA LEU B 170 1.65 47.48 -18.35
C LEU B 170 0.82 48.23 -19.37
N LEU B 171 1.45 49.09 -20.17
CA LEU B 171 0.73 49.83 -21.21
C LEU B 171 0.27 48.89 -22.32
N GLU B 172 1.09 47.86 -22.65
CA GLU B 172 0.76 46.86 -23.66
C GLU B 172 -0.41 45.99 -23.20
N VAL B 173 -0.45 45.66 -21.90
CA VAL B 173 -1.52 44.87 -21.29
C VAL B 173 -2.85 45.64 -21.40
N ILE B 174 -2.83 46.96 -21.14
CA ILE B 174 -4.02 47.82 -21.24
C ILE B 174 -4.54 47.82 -22.68
N ASP B 175 -3.64 47.98 -23.66
CA ASP B 175 -3.98 47.99 -25.07
C ASP B 175 -4.57 46.65 -25.51
N GLU B 176 -3.98 45.55 -25.03
CA GLU B 176 -4.44 44.21 -25.35
C GLU B 176 -5.81 43.97 -24.75
N LEU B 177 -6.04 44.43 -23.50
CA LEU B 177 -7.32 44.30 -22.80
C LEU B 177 -8.41 45.09 -23.50
N TYR B 178 -8.07 46.28 -24.02
CA TYR B 178 -9.01 47.10 -24.79
C TYR B 178 -9.39 46.40 -26.10
N GLY B 179 -8.42 45.73 -26.72
CA GLY B 179 -8.63 44.94 -27.93
C GLY B 179 -9.53 43.74 -27.70
N ILE B 180 -9.40 43.07 -26.53
CA ILE B 180 -10.20 41.92 -26.10
C ILE B 180 -11.65 42.37 -25.85
N MET B 181 -11.81 43.47 -25.11
CA MET B 181 -13.12 44.02 -24.78
C MET B 181 -13.72 44.86 -25.91
N VAL C 10 -26.79 24.03 -14.88
CA VAL C 10 -25.42 24.09 -14.38
C VAL C 10 -25.33 24.70 -12.93
N ARG C 11 -25.50 23.87 -11.89
CA ARG C 11 -25.41 24.34 -10.51
C ARG C 11 -23.95 24.30 -10.03
N ARG C 12 -23.14 25.31 -10.42
CA ARG C 12 -21.72 25.41 -10.00
C ARG C 12 -21.62 25.55 -8.49
N ARG C 13 -20.58 24.93 -7.86
CA ARG C 13 -20.46 24.97 -6.40
C ARG C 13 -20.31 26.38 -5.89
N LYS C 14 -21.26 26.77 -5.03
CA LYS C 14 -21.30 28.11 -4.45
C LYS C 14 -20.20 28.19 -3.40
N PRO C 15 -19.30 29.17 -3.51
CA PRO C 15 -18.22 29.27 -2.51
C PRO C 15 -18.77 29.54 -1.12
N ALA C 16 -18.08 29.05 -0.10
CA ALA C 16 -18.53 29.22 1.27
C ALA C 16 -18.40 30.65 1.67
N VAL C 17 -19.50 31.24 2.06
CA VAL C 17 -19.54 32.63 2.48
C VAL C 17 -19.12 32.76 3.91
N GLU C 18 -18.10 33.54 4.16
CA GLU C 18 -17.60 33.75 5.51
C GLU C 18 -18.55 34.61 6.31
N ARG C 19 -19.03 34.11 7.45
CA ARG C 19 -19.96 34.80 8.33
C ARG C 19 -19.62 34.58 9.82
N LYS C 20 -20.24 35.36 10.67
CA LYS C 20 -20.24 35.15 12.12
C LYS C 20 -21.61 34.47 12.38
N ILE C 21 -21.73 33.67 13.47
CA ILE C 21 -22.99 32.98 13.75
C ILE C 21 -24.18 33.94 13.84
N SER C 22 -23.97 35.13 14.48
CA SER C 22 -24.98 36.19 14.65
C SER C 22 -25.33 36.95 13.35
N GLU C 23 -24.49 36.85 12.30
CA GLU C 23 -24.71 37.54 11.02
C GLU C 23 -25.20 36.66 9.88
N ILE C 24 -25.64 35.43 10.19
CA ILE C 24 -26.11 34.54 9.13
C ILE C 24 -27.39 35.07 8.51
N ARG C 25 -27.43 35.17 7.17
CA ARG C 25 -28.59 35.69 6.44
C ARG C 25 -29.51 34.59 5.90
N GLU C 26 -30.79 34.94 5.63
CA GLU C 26 -31.80 34.02 5.11
C GLU C 26 -31.43 33.46 3.73
N GLU C 27 -30.84 34.29 2.89
CA GLU C 27 -30.43 33.95 1.53
C GLU C 27 -29.14 33.09 1.48
N ASP C 28 -28.40 32.95 2.61
CA ASP C 28 -27.17 32.14 2.69
C ASP C 28 -27.50 30.64 2.65
N THR C 29 -26.83 29.91 1.75
CA THR C 29 -27.02 28.47 1.61
C THR C 29 -25.74 27.72 2.05
N ARG C 30 -24.53 28.27 1.82
CA ARG C 30 -23.29 27.63 2.25
C ARG C 30 -22.41 28.62 2.97
N VAL C 31 -22.05 28.35 4.23
CA VAL C 31 -21.26 29.28 5.05
C VAL C 31 -19.97 28.72 5.66
N SER C 32 -19.08 29.63 6.11
CA SER C 32 -17.84 29.31 6.75
C SER C 32 -17.87 29.96 8.13
N LEU C 33 -17.88 29.18 9.23
CA LEU C 33 -17.93 29.69 10.61
C LEU C 33 -16.69 29.27 11.38
N ILE C 34 -16.20 30.08 12.32
CA ILE C 34 -14.99 29.71 13.08
C ILE C 34 -15.23 29.89 14.54
N GLY C 35 -15.14 28.82 15.33
CA GLY C 35 -15.39 28.92 16.76
C GLY C 35 -14.77 27.87 17.68
N ARG C 36 -15.26 27.79 18.91
CA ARG C 36 -14.77 26.84 19.89
C ARG C 36 -15.87 25.88 20.20
N VAL C 37 -15.53 24.59 20.27
CA VAL C 37 -16.48 23.54 20.61
C VAL C 37 -16.74 23.58 22.13
N ILE C 38 -18.00 23.57 22.49
CA ILE C 38 -18.42 23.62 23.88
C ILE C 38 -19.16 22.33 24.29
N LYS C 39 -19.68 21.55 23.34
CA LYS C 39 -20.39 20.31 23.67
C LYS C 39 -20.39 19.40 22.49
N VAL C 40 -20.17 18.09 22.70
CA VAL C 40 -20.16 17.10 21.63
C VAL C 40 -21.14 15.96 21.97
N ASP C 41 -22.14 15.72 21.13
CA ASP C 41 -23.06 14.61 21.31
C ASP C 41 -22.59 13.52 20.36
N LYS C 42 -21.89 12.51 20.92
CA LYS C 42 -21.34 11.38 20.17
C LYS C 42 -22.37 10.37 19.71
N MET C 43 -23.66 10.56 19.98
CA MET C 43 -24.68 9.60 19.55
C MET C 43 -25.54 10.15 18.41
N ASP C 44 -25.84 11.43 18.47
CA ASP C 44 -26.57 12.06 17.38
C ASP C 44 -25.62 12.78 16.38
N TYR C 45 -24.29 12.65 16.61
CA TYR C 45 -23.23 13.23 15.81
C TYR C 45 -23.41 14.70 15.62
N MET C 46 -23.60 15.41 16.74
CA MET C 46 -23.79 16.85 16.68
C MET C 46 -22.91 17.53 17.65
N PHE C 47 -22.54 18.77 17.39
CA PHE C 47 -21.70 19.51 18.32
C PHE C 47 -22.07 20.99 18.35
N TRP C 48 -21.78 21.63 19.48
CA TRP C 48 -22.11 23.02 19.73
C TRP C 48 -20.87 23.90 19.54
N LEU C 49 -20.96 24.85 18.58
CA LEU C 49 -19.86 25.74 18.24
C LEU C 49 -20.14 27.17 18.70
N ASP C 50 -19.25 27.76 19.50
CA ASP C 50 -19.41 29.11 19.98
C ASP C 50 -18.29 29.95 19.39
N ASP C 51 -18.63 31.01 18.63
CA ASP C 51 -17.61 31.91 18.01
C ASP C 51 -17.36 33.24 18.76
N GLY C 52 -18.13 33.48 19.81
CA GLY C 52 -18.10 34.73 20.55
C GLY C 52 -19.36 35.53 20.24
N THR C 53 -19.95 35.37 19.05
CA THR C 53 -21.16 36.08 18.65
C THR C 53 -22.44 35.25 18.76
N GLY C 54 -22.31 33.94 18.98
CA GLY C 54 -23.44 33.05 19.09
C GLY C 54 -23.05 31.59 19.17
N VAL C 55 -24.05 30.73 19.28
CA VAL C 55 -23.82 29.30 19.34
C VAL C 55 -24.61 28.61 18.23
N ALA C 56 -23.92 27.80 17.41
CA ALA C 56 -24.59 27.10 16.34
C ALA C 56 -24.52 25.60 16.56
N ILE C 57 -25.60 24.90 16.20
CA ILE C 57 -25.63 23.47 16.35
C ILE C 57 -25.16 22.90 15.06
N ILE C 58 -24.01 22.23 15.10
CA ILE C 58 -23.40 21.66 13.90
C ILE C 58 -23.64 20.14 13.81
N GLU C 59 -24.37 19.71 12.80
CA GLU C 59 -24.62 18.31 12.58
C GLU C 59 -23.50 17.79 11.69
N SER C 60 -22.73 16.81 12.18
CA SER C 60 -21.60 16.25 11.44
C SER C 60 -21.92 14.84 10.95
N GLU C 61 -21.34 14.45 9.80
CA GLU C 61 -21.60 13.11 9.26
C GLU C 61 -20.66 12.08 9.85
N SER C 62 -19.39 12.42 9.97
CA SER C 62 -18.38 11.48 10.41
C SER C 62 -17.32 12.04 11.37
N ASP C 63 -16.89 13.28 11.12
CA ASP C 63 -15.86 13.90 11.95
C ASP C 63 -16.46 14.64 13.12
N LEU C 64 -16.12 14.22 14.34
CA LEU C 64 -16.58 14.91 15.52
C LEU C 64 -15.38 15.50 16.18
N PRO C 65 -15.40 16.80 16.47
CA PRO C 65 -14.24 17.41 17.13
C PRO C 65 -14.21 17.09 18.64
N LYS C 66 -13.25 17.68 19.37
CA LYS C 66 -13.17 17.51 20.81
C LYS C 66 -13.69 18.79 21.49
N VAL C 67 -14.12 18.64 22.74
CA VAL C 67 -14.60 19.77 23.52
C VAL C 67 -13.44 20.67 23.85
N GLY C 68 -13.65 21.94 23.59
CA GLY C 68 -12.65 22.97 23.80
C GLY C 68 -11.74 23.21 22.63
N GLN C 69 -11.89 22.43 21.55
CA GLN C 69 -11.08 22.57 20.35
C GLN C 69 -11.57 23.76 19.53
N VAL C 70 -10.65 24.57 18.99
CA VAL C 70 -11.04 25.65 18.11
C VAL C 70 -11.12 25.06 16.69
N VAL C 71 -12.28 25.16 16.02
CA VAL C 71 -12.46 24.58 14.68
C VAL C 71 -13.09 25.57 13.66
N ARG C 72 -12.84 25.36 12.35
CA ARG C 72 -13.48 26.12 11.29
C ARG C 72 -14.39 25.17 10.61
N VAL C 73 -15.64 25.55 10.47
CA VAL C 73 -16.64 24.72 9.85
C VAL C 73 -17.17 25.34 8.56
N ILE C 74 -17.24 24.55 7.48
CA ILE C 74 -17.83 24.97 6.22
C ILE C 74 -19.02 24.08 6.07
N GLY C 75 -20.20 24.64 6.00
CA GLY C 75 -21.39 23.80 5.89
C GLY C 75 -22.59 24.41 5.23
N ARG C 76 -23.56 23.56 4.92
CA ARG C 76 -24.80 24.01 4.33
C ARG C 76 -25.76 24.30 5.45
N ILE C 77 -26.52 25.36 5.30
CA ILE C 77 -27.48 25.73 6.30
C ILE C 77 -28.76 24.94 6.07
N ILE C 78 -29.29 24.40 7.18
CA ILE C 78 -30.53 23.64 7.21
C ILE C 78 -31.59 24.40 8.02
N ARG C 79 -32.67 24.81 7.37
CA ARG C 79 -33.73 25.55 8.03
C ARG C 79 -34.97 24.70 8.19
N ASN C 80 -35.23 24.30 9.44
CA ASN C 80 -36.39 23.48 9.77
C ASN C 80 -37.20 24.07 10.96
N GLU C 81 -38.29 23.36 11.38
CA GLU C 81 -39.16 23.74 12.49
C GLU C 81 -38.40 23.76 13.84
N GLU C 82 -37.32 22.93 13.97
CA GLU C 82 -36.48 22.88 15.19
C GLU C 82 -35.44 24.04 15.30
N GLY C 83 -35.27 24.78 14.20
CA GLY C 83 -34.36 25.90 14.11
C GLY C 83 -33.44 25.81 12.91
N ILE C 84 -32.30 26.50 13.03
CA ILE C 84 -31.29 26.55 12.00
C ILE C 84 -30.04 25.83 12.47
N HIS C 85 -29.75 24.71 11.82
CA HIS C 85 -28.56 23.94 12.11
C HIS C 85 -27.68 23.85 10.86
N ILE C 86 -26.39 23.61 11.07
CA ILE C 86 -25.47 23.56 9.96
C ILE C 86 -25.10 22.13 9.72
N TYR C 87 -25.26 21.66 8.49
CA TYR C 87 -24.83 20.32 8.15
C TYR C 87 -23.39 20.49 7.70
N ALA C 88 -22.42 20.13 8.56
CA ALA C 88 -20.98 20.30 8.31
C ALA C 88 -20.44 19.50 7.17
N GLU C 89 -19.74 20.18 6.27
CA GLU C 89 -19.08 19.60 5.11
C GLU C 89 -17.59 19.46 5.40
N VAL C 90 -16.99 20.52 5.94
CA VAL C 90 -15.59 20.51 6.26
C VAL C 90 -15.42 21.04 7.66
N ILE C 91 -14.63 20.35 8.48
CA ILE C 91 -14.34 20.77 9.86
C ILE C 91 -12.83 20.77 9.92
N GLN C 92 -12.20 21.94 10.13
CA GLN C 92 -10.73 22.02 10.17
C GLN C 92 -10.23 22.43 11.56
N ASP C 93 -9.07 21.93 11.97
CA ASP C 93 -8.52 22.32 13.27
C ASP C 93 -7.91 23.74 13.26
N PHE C 94 -8.60 24.69 13.86
CA PHE C 94 -8.12 26.06 13.93
C PHE C 94 -7.55 26.42 15.28
N SER C 95 -6.94 25.43 15.95
CA SER C 95 -6.45 25.59 17.31
C SER C 95 -5.29 26.57 17.45
N ASP C 96 -4.36 26.59 16.49
CA ASP C 96 -3.25 27.55 16.56
C ASP C 96 -3.48 28.80 15.71
N ALA C 97 -4.71 29.03 15.25
CA ALA C 97 -5.01 30.15 14.39
C ALA C 97 -5.16 31.44 15.12
N ASP C 98 -4.53 32.50 14.62
CA ASP C 98 -4.58 33.86 15.18
C ASP C 98 -5.89 34.50 14.74
N LEU C 99 -6.96 34.29 15.52
CA LEU C 99 -8.27 34.83 15.18
C LEU C 99 -8.33 36.36 15.23
N GLU C 100 -7.40 36.99 15.98
CA GLU C 100 -7.28 38.46 16.11
C GLU C 100 -6.86 39.00 14.72
N ALA C 101 -5.87 38.36 14.08
CA ALA C 101 -5.37 38.72 12.76
C ALA C 101 -6.44 38.46 11.73
N LEU C 102 -7.17 37.33 11.84
CA LEU C 102 -8.24 36.99 10.91
C LEU C 102 -9.36 38.03 10.95
N GLU C 103 -9.72 38.46 12.15
CA GLU C 103 -10.76 39.46 12.34
C GLU C 103 -10.34 40.79 11.69
N GLU C 104 -9.06 41.16 11.83
CA GLU C 104 -8.50 42.38 11.27
C GLU C 104 -8.50 42.36 9.74
N ILE C 105 -8.20 41.19 9.12
CA ILE C 105 -8.20 41.10 7.67
C ILE C 105 -9.60 41.09 7.11
N ARG C 106 -10.59 40.53 7.85
CA ARG C 106 -12.00 40.52 7.46
C ARG C 106 -12.53 41.96 7.35
N GLU C 107 -12.13 42.82 8.30
CA GLU C 107 -12.51 44.25 8.33
C GLU C 107 -11.82 45.02 7.19
N LEU C 108 -10.56 44.67 6.88
CA LEU C 108 -9.80 45.30 5.79
C LEU C 108 -10.43 44.97 4.45
N GLU C 109 -10.85 43.72 4.26
CA GLU C 109 -11.50 43.30 3.03
C GLU C 109 -12.86 43.97 2.87
N ARG C 110 -13.62 44.09 3.95
CA ARG C 110 -14.94 44.73 3.97
C ARG C 110 -14.88 46.20 3.54
N LYS C 111 -13.83 46.89 3.97
CA LYS C 111 -13.66 48.31 3.66
C LYS C 111 -13.07 48.57 2.28
N LEU C 112 -12.00 47.85 1.96
CA LEU C 112 -11.24 48.13 0.74
C LEU C 112 -11.69 47.44 -0.54
N LEU C 113 -12.22 46.19 -0.48
CA LEU C 113 -12.62 45.48 -1.70
C LEU C 113 -13.68 46.20 -2.55
N PRO C 114 -14.77 46.76 -1.96
CA PRO C 114 -15.75 47.48 -2.78
C PRO C 114 -15.20 48.76 -3.43
N ARG C 115 -14.23 49.42 -2.77
CA ARG C 115 -13.62 50.65 -3.28
C ARG C 115 -12.69 50.34 -4.46
N LEU C 116 -11.96 49.23 -4.40
CA LEU C 116 -11.03 48.83 -5.46
C LEU C 116 -11.79 48.50 -6.75
N GLU C 117 -12.94 47.81 -6.63
CA GLU C 117 -13.77 47.46 -7.79
C GLU C 117 -14.38 48.71 -8.44
N GLY C 118 -14.76 49.68 -7.62
CA GLY C 118 -15.37 50.94 -8.06
C GLY C 118 -14.43 51.98 -8.63
N GLU C 119 -13.11 51.70 -8.59
CA GLU C 119 -12.10 52.61 -9.15
C GLU C 119 -11.97 52.51 -10.68
N ILE C 120 -12.61 51.51 -11.31
CA ILE C 120 -12.52 51.27 -12.75
C ILE C 120 -13.35 52.29 -13.60
N VAL C 121 -12.63 53.26 -14.20
CA VAL C 121 -13.18 54.32 -15.06
C VAL C 121 -12.50 54.21 -16.46
N TRP C 122 -12.87 53.17 -17.26
CA TRP C 122 -12.29 52.90 -18.60
C TRP C 122 -12.41 54.09 -19.57
N SER D 62 -35.23 10.18 15.87
CA SER D 62 -36.49 9.91 15.22
C SER D 62 -36.84 8.44 15.47
N LEU D 63 -38.11 8.13 15.49
CA LEU D 63 -38.55 6.74 15.58
C LEU D 63 -38.86 6.18 14.17
N MET D 64 -38.75 7.01 13.11
CA MET D 64 -39.13 6.61 11.75
C MET D 64 -38.51 5.33 11.28
N ARG D 65 -39.33 4.51 10.61
CA ARG D 65 -38.89 3.26 10.05
C ARG D 65 -38.98 3.29 8.53
N ILE D 66 -38.21 2.41 7.89
CA ILE D 66 -38.25 2.25 6.45
C ILE D 66 -39.67 1.95 5.93
N SER D 67 -40.46 1.17 6.69
CA SER D 67 -41.85 0.84 6.33
C SER D 67 -42.74 2.08 6.26
N GLU D 68 -42.35 3.18 6.92
CA GLU D 68 -43.11 4.43 6.91
C GLU D 68 -42.76 5.37 5.77
N LEU D 69 -41.72 5.08 4.99
CA LEU D 69 -41.36 5.93 3.86
C LEU D 69 -42.44 5.82 2.79
N TYR D 70 -42.71 6.92 2.10
CA TYR D 70 -43.63 6.93 0.97
C TYR D 70 -43.13 7.90 -0.09
N PRO D 71 -43.32 7.59 -1.38
CA PRO D 71 -42.83 8.50 -2.43
C PRO D 71 -43.35 9.92 -2.32
N GLY D 72 -42.46 10.89 -2.46
CA GLY D 72 -42.86 12.29 -2.37
C GLY D 72 -43.02 12.82 -0.96
N MET D 73 -42.66 12.00 0.07
CA MET D 73 -42.71 12.52 1.44
C MET D 73 -41.70 13.65 1.61
N ASP D 74 -41.93 14.56 2.54
CA ASP D 74 -41.03 15.68 2.77
C ASP D 74 -39.63 15.19 3.13
N PRO D 75 -38.60 15.51 2.31
CA PRO D 75 -37.23 15.08 2.65
C PRO D 75 -36.79 15.52 4.05
N ARG D 76 -37.33 16.63 4.57
CA ARG D 76 -37.00 17.11 5.94
C ARG D 76 -37.46 16.11 7.01
N GLU D 77 -38.47 15.29 6.72
CA GLU D 77 -38.96 14.28 7.66
C GLU D 77 -38.14 12.98 7.57
N VAL D 78 -37.40 12.76 6.47
CA VAL D 78 -36.69 11.53 6.23
C VAL D 78 -35.53 11.36 7.19
N ASN D 79 -35.63 10.35 8.06
CA ASN D 79 -34.60 10.08 9.06
C ASN D 79 -34.74 8.60 9.36
N VAL D 80 -33.95 7.75 8.70
CA VAL D 80 -34.05 6.31 8.90
C VAL D 80 -32.67 5.73 9.06
N VAL D 81 -32.57 4.56 9.66
CA VAL D 81 -31.30 3.86 9.78
C VAL D 81 -31.50 2.49 9.12
N GLY D 82 -30.41 1.91 8.65
CA GLY D 82 -30.48 0.59 8.07
C GLY D 82 -29.13 -0.05 8.01
N ARG D 83 -29.10 -1.37 8.11
CA ARG D 83 -27.86 -2.13 7.92
C ARG D 83 -27.74 -2.42 6.42
N VAL D 84 -26.53 -2.32 5.87
CA VAL D 84 -26.27 -2.55 4.45
C VAL D 84 -26.28 -4.03 4.14
N LEU D 85 -27.19 -4.45 3.28
CA LEU D 85 -27.35 -5.83 2.88
C LEU D 85 -26.62 -6.10 1.56
N LYS D 86 -26.67 -5.14 0.64
CA LYS D 86 -26.08 -5.28 -0.69
C LYS D 86 -25.49 -3.97 -1.17
N LYS D 87 -24.40 -4.07 -1.96
N LYS D 87 -24.44 -4.07 -1.99
CA LYS D 87 -23.79 -2.91 -2.58
CA LYS D 87 -23.78 -2.92 -2.58
C LYS D 87 -23.58 -3.29 -4.04
C LYS D 87 -23.49 -3.25 -4.03
N TYR D 88 -24.10 -2.50 -4.95
CA TYR D 88 -23.93 -2.74 -6.39
C TYR D 88 -22.80 -1.84 -6.94
N PRO D 89 -22.21 -2.16 -8.11
CA PRO D 89 -21.09 -1.34 -8.59
C PRO D 89 -21.57 0.05 -9.01
N PRO D 90 -20.72 1.07 -8.84
CA PRO D 90 -21.06 2.39 -9.37
C PRO D 90 -21.12 2.29 -10.91
N ARG D 91 -21.99 3.08 -11.48
CA ARG D 91 -22.32 3.14 -12.91
CA ARG D 91 -22.13 3.12 -12.93
C ARG D 91 -22.22 4.57 -13.43
N GLU D 92 -22.18 4.73 -14.75
CA GLU D 92 -22.27 6.06 -15.33
C GLU D 92 -23.71 6.22 -15.83
N TYR D 93 -24.16 7.45 -15.90
CA TYR D 93 -25.46 7.75 -16.47
C TYR D 93 -25.33 9.05 -17.28
N THR D 94 -26.18 9.25 -18.26
CA THR D 94 -26.16 10.44 -19.11
C THR D 94 -27.17 11.46 -18.63
N ARG D 95 -26.73 12.71 -18.46
CA ARG D 95 -27.57 13.82 -18.02
C ARG D 95 -28.30 14.42 -19.19
N LYS D 96 -29.35 15.20 -18.91
CA LYS D 96 -30.12 15.91 -19.91
C LYS D 96 -29.25 16.85 -20.74
N ASP D 97 -28.20 17.41 -20.15
CA ASP D 97 -27.29 18.30 -20.87
C ASP D 97 -26.22 17.57 -21.72
N GLY D 98 -26.20 16.23 -21.70
CA GLY D 98 -25.22 15.48 -22.47
C GLY D 98 -24.00 15.03 -21.68
N SER D 99 -23.77 15.60 -20.49
CA SER D 99 -22.63 15.20 -19.67
C SER D 99 -22.88 13.79 -19.06
N VAL D 100 -21.84 13.19 -18.48
CA VAL D 100 -21.92 11.88 -17.86
C VAL D 100 -21.67 12.00 -16.35
N GLY D 101 -22.59 11.45 -15.57
CA GLY D 101 -22.46 11.45 -14.12
C GLY D 101 -22.24 10.06 -13.58
N ARG D 102 -22.22 9.92 -12.25
CA ARG D 102 -22.09 8.62 -11.61
C ARG D 102 -23.28 8.37 -10.73
N VAL D 103 -23.63 7.09 -10.58
CA VAL D 103 -24.72 6.70 -9.71
C VAL D 103 -24.38 5.31 -9.13
N ALA D 104 -24.68 5.07 -7.86
CA ALA D 104 -24.40 3.76 -7.26
C ALA D 104 -25.54 3.38 -6.33
N SER D 105 -25.92 2.09 -6.29
CA SER D 105 -27.04 1.67 -5.44
C SER D 105 -26.66 0.67 -4.36
N LEU D 106 -27.34 0.76 -3.23
CA LEU D 106 -27.17 -0.16 -2.10
C LEU D 106 -28.56 -0.61 -1.67
N ILE D 107 -28.62 -1.72 -0.93
CA ILE D 107 -29.85 -2.15 -0.32
C ILE D 107 -29.61 -2.13 1.17
N ILE D 108 -30.49 -1.44 1.92
CA ILE D 108 -30.36 -1.41 3.38
C ILE D 108 -31.67 -1.95 3.99
N TYR D 109 -31.63 -2.31 5.28
CA TYR D 109 -32.85 -2.77 5.95
C TYR D 109 -32.82 -2.39 7.42
N ASP D 110 -33.99 -2.16 8.01
CA ASP D 110 -34.07 -1.95 9.44
C ASP D 110 -34.96 -3.08 10.02
N ASP D 111 -35.49 -2.91 11.22
CA ASP D 111 -36.39 -3.89 11.81
C ASP D 111 -37.76 -3.98 11.11
N SER D 112 -38.05 -3.08 10.15
CA SER D 112 -39.33 -2.99 9.48
C SER D 112 -39.38 -3.38 8.00
N GLY D 113 -38.26 -3.28 7.28
CA GLY D 113 -38.26 -3.55 5.84
C GLY D 113 -36.98 -3.12 5.18
N ARG D 114 -36.93 -3.19 3.85
CA ARG D 114 -35.74 -2.86 3.06
C ARG D 114 -35.98 -1.67 2.16
N ALA D 115 -34.91 -1.00 1.78
CA ALA D 115 -35.02 0.12 0.85
C ALA D 115 -33.77 0.16 -0.02
N ARG D 116 -33.95 0.53 -1.28
CA ARG D 116 -32.82 0.79 -2.15
C ARG D 116 -32.35 2.22 -1.81
N VAL D 117 -31.05 2.41 -1.71
CA VAL D 117 -30.44 3.70 -1.48
C VAL D 117 -29.65 4.05 -2.72
N VAL D 118 -29.98 5.16 -3.39
CA VAL D 118 -29.30 5.55 -4.62
C VAL D 118 -28.40 6.77 -4.40
N LEU D 119 -27.07 6.59 -4.49
CA LEU D 119 -26.09 7.66 -4.33
C LEU D 119 -25.85 8.34 -5.68
N TRP D 120 -26.05 9.65 -5.75
CA TRP D 120 -25.87 10.38 -6.99
C TRP D 120 -24.62 11.25 -7.02
N ASP D 121 -23.89 11.14 -8.10
CA ASP D 121 -22.76 12.01 -8.46
C ASP D 121 -21.73 12.18 -7.33
N ALA D 122 -21.50 13.41 -6.77
CA ALA D 122 -20.49 13.55 -5.71
C ALA D 122 -20.78 12.72 -4.46
N LYS D 123 -22.06 12.32 -4.23
CA LYS D 123 -22.36 11.45 -3.08
C LYS D 123 -21.73 10.05 -3.22
N VAL D 124 -21.46 9.62 -4.47
CA VAL D 124 -20.78 8.36 -4.70
C VAL D 124 -19.34 8.49 -4.22
N SER D 125 -18.62 9.54 -4.68
CA SER D 125 -17.25 9.78 -4.27
C SER D 125 -17.16 10.00 -2.75
N GLU D 126 -18.13 10.73 -2.21
CA GLU D 126 -18.14 11.06 -0.78
C GLU D 126 -18.36 9.84 0.13
N TYR D 127 -19.31 8.94 -0.23
CA TYR D 127 -19.66 7.84 0.68
C TYR D 127 -19.47 6.41 0.25
N TYR D 128 -19.53 6.13 -1.05
CA TYR D 128 -19.56 4.76 -1.56
C TYR D 128 -18.46 3.83 -1.01
N ASN D 129 -17.20 4.24 -1.06
CA ASN D 129 -16.10 3.39 -0.56
C ASN D 129 -16.09 3.30 0.98
N LYS D 130 -16.69 4.29 1.66
CA LYS D 130 -16.74 4.28 3.12
C LYS D 130 -17.76 3.26 3.67
N ILE D 131 -18.76 2.88 2.86
CA ILE D 131 -19.80 1.93 3.28
C ILE D 131 -19.46 0.47 2.98
N GLU D 132 -19.75 -0.48 3.87
CA GLU D 132 -19.57 -1.91 3.58
C GLU D 132 -20.76 -2.74 4.12
N VAL D 133 -20.96 -3.92 3.57
CA VAL D 133 -22.04 -4.82 3.97
C VAL D 133 -21.95 -5.15 5.47
N GLY D 134 -23.05 -4.98 6.19
CA GLY D 134 -23.05 -5.18 7.63
C GLY D 134 -22.96 -3.87 8.38
N ASP D 135 -22.43 -2.80 7.75
CA ASP D 135 -22.37 -1.49 8.37
C ASP D 135 -23.80 -0.94 8.48
N VAL D 136 -24.03 -0.03 9.41
CA VAL D 136 -25.32 0.64 9.54
C VAL D 136 -25.13 2.07 9.07
N ILE D 137 -26.06 2.61 8.31
CA ILE D 137 -26.02 4.01 7.90
C ILE D 137 -27.30 4.69 8.39
N LYS D 138 -27.22 5.99 8.59
CA LYS D 138 -28.38 6.81 8.90
C LYS D 138 -28.54 7.70 7.69
N VAL D 139 -29.76 7.81 7.18
CA VAL D 139 -30.05 8.61 6.00
C VAL D 139 -30.93 9.78 6.37
N LEU D 140 -30.52 11.01 5.97
CA LEU D 140 -31.28 12.21 6.29
C LEU D 140 -31.55 13.02 5.08
N ASP D 141 -32.72 13.67 5.02
CA ASP D 141 -33.01 14.64 3.96
C ASP D 141 -32.96 14.08 2.54
N ALA D 142 -33.24 12.78 2.37
CA ALA D 142 -33.22 12.17 1.05
C ALA D 142 -34.58 12.33 0.39
N GLN D 143 -34.63 12.33 -0.94
CA GLN D 143 -35.91 12.34 -1.63
C GLN D 143 -36.38 10.87 -1.68
N VAL D 144 -37.67 10.64 -1.56
CA VAL D 144 -38.20 9.30 -1.65
C VAL D 144 -38.91 9.13 -2.96
N LYS D 145 -38.50 8.12 -3.71
CA LYS D 145 -39.14 7.84 -5.01
C LYS D 145 -39.74 6.47 -5.01
N GLU D 146 -40.63 6.24 -5.98
CA GLU D 146 -41.23 4.93 -6.15
C GLU D 146 -40.30 4.13 -7.05
N SER D 147 -39.91 2.95 -6.61
CA SER D 147 -39.07 2.08 -7.40
C SER D 147 -39.88 1.51 -8.57
N LEU D 148 -39.21 0.83 -9.51
CA LEU D 148 -39.91 0.17 -10.62
C LEU D 148 -40.88 -0.95 -10.11
N SER D 149 -40.73 -1.41 -8.84
CA SER D 149 -41.67 -2.38 -8.28
C SER D 149 -42.72 -1.78 -7.32
N GLY D 150 -42.87 -0.46 -7.34
CA GLY D 150 -43.85 0.23 -6.51
C GLY D 150 -43.43 0.48 -5.07
N LEU D 151 -42.16 0.25 -4.72
CA LEU D 151 -41.68 0.40 -3.35
C LEU D 151 -40.83 1.68 -3.14
N PRO D 152 -40.83 2.26 -1.93
CA PRO D 152 -39.97 3.45 -1.68
C PRO D 152 -38.45 3.20 -1.84
N GLU D 153 -37.71 4.15 -2.46
CA GLU D 153 -36.24 4.19 -2.63
C GLU D 153 -35.76 5.53 -2.11
N LEU D 154 -34.58 5.56 -1.52
CA LEU D 154 -33.99 6.77 -0.93
C LEU D 154 -32.95 7.36 -1.89
N HIS D 155 -33.19 8.56 -2.37
CA HIS D 155 -32.27 9.19 -3.32
C HIS D 155 -31.34 10.17 -2.62
N ILE D 156 -30.04 9.88 -2.63
CA ILE D 156 -29.04 10.67 -1.96
C ILE D 156 -28.43 11.66 -2.97
N ASN D 157 -29.06 12.86 -3.05
CA ASN D 157 -28.64 13.96 -3.90
C ASN D 157 -27.89 15.04 -3.07
N PHE D 158 -27.57 16.23 -3.64
CA PHE D 158 -26.84 17.31 -2.97
C PHE D 158 -27.36 17.61 -1.57
N ARG D 159 -28.68 17.59 -1.41
CA ARG D 159 -29.31 17.93 -0.15
C ARG D 159 -29.17 16.87 0.93
N ALA D 160 -29.09 15.62 0.52
CA ALA D 160 -29.14 14.50 1.47
C ALA D 160 -27.85 14.29 2.26
N ARG D 161 -27.91 13.61 3.39
CA ARG D 161 -26.74 13.31 4.21
C ARG D 161 -26.78 11.86 4.64
N ILE D 162 -25.61 11.29 4.87
CA ILE D 162 -25.50 9.94 5.38
C ILE D 162 -24.53 9.99 6.54
N ILE D 163 -24.87 9.30 7.62
CA ILE D 163 -24.00 9.16 8.77
C ILE D 163 -23.62 7.72 8.83
N LEU D 164 -22.33 7.44 8.79
CA LEU D 164 -21.82 6.08 8.84
C LEU D 164 -21.76 5.62 10.26
N ASN D 165 -22.27 4.40 10.53
CA ASN D 165 -22.37 3.78 11.86
C ASN D 165 -22.81 4.79 12.94
N PRO D 166 -24.07 5.25 12.81
CA PRO D 166 -24.56 6.29 13.71
C PRO D 166 -24.76 5.84 15.14
N ASP D 167 -24.87 6.83 16.06
CA ASP D 167 -25.19 6.65 17.46
C ASP D 167 -26.68 6.92 17.49
N ASP D 168 -27.49 5.85 17.47
CA ASP D 168 -28.94 6.00 17.39
C ASP D 168 -29.60 4.80 18.08
N PRO D 169 -30.65 5.02 18.88
CA PRO D 169 -31.29 3.90 19.58
C PRO D 169 -31.89 2.81 18.68
N ARG D 170 -32.23 3.16 17.42
CA ARG D 170 -32.79 2.17 16.49
C ARG D 170 -31.76 1.14 16.03
N VAL D 171 -30.47 1.47 16.07
CA VAL D 171 -29.43 0.56 15.58
C VAL D 171 -29.47 -0.82 16.26
N GLU D 172 -29.62 -0.87 17.59
CA GLU D 172 -29.68 -2.17 18.30
C GLU D 172 -30.89 -3.04 17.93
N MET D 173 -31.92 -2.43 17.33
N MET D 173 -31.92 -2.43 17.34
CA MET D 173 -33.12 -3.14 16.91
CA MET D 173 -33.11 -3.15 16.93
C MET D 173 -32.98 -3.80 15.54
C MET D 173 -33.00 -3.77 15.52
N ILE D 174 -31.94 -3.45 14.76
CA ILE D 174 -31.77 -4.00 13.41
C ILE D 174 -31.19 -5.39 13.48
N THR D 186 -12.67 -19.59 6.89
CA THR D 186 -11.60 -19.95 7.81
C THR D 186 -11.35 -21.47 7.87
N ARG D 187 -10.07 -21.86 7.80
CA ARG D 187 -9.66 -23.25 7.85
C ARG D 187 -9.96 -23.86 9.20
N LYS D 188 -10.81 -24.88 9.21
CA LYS D 188 -11.17 -25.57 10.46
C LYS D 188 -11.11 -27.09 10.23
N LYS D 189 -10.51 -27.84 11.18
CA LYS D 189 -10.49 -29.32 11.10
C LYS D 189 -11.91 -29.88 11.37
N ILE D 190 -12.31 -30.99 10.73
CA ILE D 190 -13.65 -31.57 10.90
C ILE D 190 -13.98 -31.89 12.37
N LYS D 191 -12.95 -32.25 13.15
CA LYS D 191 -13.14 -32.52 14.57
C LYS D 191 -13.59 -31.29 15.39
N ASP D 192 -13.31 -30.08 14.88
CA ASP D 192 -13.66 -28.82 15.54
C ASP D 192 -14.98 -28.20 15.04
N ILE D 193 -15.49 -28.66 13.88
CA ILE D 193 -16.74 -28.18 13.26
C ILE D 193 -17.97 -28.35 14.14
N GLU D 194 -18.83 -27.32 14.19
CA GLU D 194 -20.09 -27.32 14.94
C GLU D 194 -21.33 -27.08 14.03
N ALA D 195 -22.53 -27.38 14.53
CA ALA D 195 -23.76 -27.17 13.77
C ALA D 195 -24.01 -25.70 13.63
N GLY D 196 -24.38 -25.29 12.44
CA GLY D 196 -24.62 -23.89 12.12
C GLY D 196 -23.37 -23.11 11.75
N ASP D 197 -22.24 -23.81 11.58
CA ASP D 197 -20.97 -23.14 11.26
C ASP D 197 -21.08 -22.45 9.92
N ARG D 198 -20.54 -21.23 9.82
CA ARG D 198 -20.56 -20.45 8.59
C ARG D 198 -19.15 -20.21 8.10
N PHE D 199 -18.98 -20.09 6.76
CA PHE D 199 -17.70 -19.84 6.05
C PHE D 199 -16.55 -20.71 6.53
N VAL D 200 -16.76 -22.03 6.44
CA VAL D 200 -15.75 -22.97 6.87
C VAL D 200 -15.02 -23.53 5.65
N GLU D 201 -13.68 -23.60 5.71
CA GLU D 201 -12.89 -24.15 4.63
C GLU D 201 -12.35 -25.45 5.15
N VAL D 202 -12.63 -26.54 4.44
CA VAL D 202 -12.17 -27.88 4.83
C VAL D 202 -11.46 -28.58 3.67
N ARG D 203 -10.22 -29.07 3.90
CA ARG D 203 -9.48 -29.81 2.88
C ARG D 203 -9.48 -31.28 3.27
N GLY D 204 -9.99 -32.11 2.36
CA GLY D 204 -10.09 -33.55 2.60
C GLY D 204 -10.30 -34.43 1.38
N THR D 205 -10.43 -35.73 1.63
CA THR D 205 -10.59 -36.74 0.59
C THR D 205 -12.05 -37.09 0.39
N ILE D 206 -12.51 -37.23 -0.87
CA ILE D 206 -13.86 -37.70 -1.15
C ILE D 206 -13.88 -39.15 -0.75
N ALA D 207 -14.72 -39.52 0.25
CA ALA D 207 -14.76 -40.88 0.82
C ALA D 207 -15.97 -41.73 0.41
N LYS D 208 -17.10 -41.09 0.07
CA LYS D 208 -18.31 -41.82 -0.28
C LYS D 208 -19.17 -41.02 -1.24
N VAL D 209 -19.94 -41.70 -2.12
CA VAL D 209 -20.86 -41.00 -3.00
C VAL D 209 -22.26 -41.50 -2.75
N TYR D 210 -23.09 -40.69 -2.06
CA TYR D 210 -24.48 -41.01 -1.70
C TYR D 210 -25.47 -40.97 -2.88
N ARG D 211 -25.57 -39.83 -3.58
CA ARG D 211 -26.53 -39.70 -4.67
C ARG D 211 -26.15 -38.65 -5.70
N VAL D 212 -26.47 -38.96 -6.96
CA VAL D 212 -26.25 -38.10 -8.13
C VAL D 212 -27.54 -38.10 -8.90
N LEU D 213 -28.12 -36.91 -9.08
CA LEU D 213 -29.39 -36.74 -9.79
C LEU D 213 -29.58 -35.30 -10.30
N THR D 214 -30.53 -35.10 -11.20
CA THR D 214 -30.87 -33.78 -11.71
C THR D 214 -32.39 -33.55 -11.58
N TYR D 215 -32.80 -32.32 -11.25
CA TYR D 215 -34.21 -31.94 -11.12
C TYR D 215 -34.50 -30.64 -11.91
N ASP D 216 -35.76 -30.44 -12.34
CA ASP D 216 -36.09 -29.22 -13.07
C ASP D 216 -36.21 -28.08 -12.06
N ALA D 217 -35.45 -27.01 -12.27
CA ALA D 217 -35.41 -25.87 -11.35
C ALA D 217 -35.76 -24.52 -12.03
N CYS D 218 -36.21 -23.56 -11.23
CA CYS D 218 -36.53 -22.22 -11.73
C CYS D 218 -35.21 -21.52 -11.97
N PRO D 219 -35.07 -20.83 -13.10
CA PRO D 219 -33.80 -20.12 -13.38
C PRO D 219 -33.52 -18.92 -12.45
N GLU D 220 -34.54 -18.43 -11.73
CA GLU D 220 -34.35 -17.31 -10.84
C GLU D 220 -34.06 -17.71 -9.40
N CYS D 221 -34.97 -18.46 -8.77
CA CYS D 221 -34.81 -18.86 -7.38
C CYS D 221 -34.12 -20.23 -7.21
N LYS D 222 -33.93 -20.99 -8.31
CA LYS D 222 -33.30 -22.31 -8.35
C LYS D 222 -34.09 -23.37 -7.57
N LYS D 223 -35.38 -23.13 -7.30
CA LYS D 223 -36.21 -24.08 -6.58
C LYS D 223 -36.89 -25.03 -7.55
N LYS D 224 -37.30 -26.22 -7.07
CA LYS D 224 -37.95 -27.24 -7.89
C LYS D 224 -39.25 -26.74 -8.55
N VAL D 225 -39.38 -26.92 -9.88
CA VAL D 225 -40.58 -26.48 -10.61
C VAL D 225 -41.53 -27.64 -10.87
N ASP D 226 -42.84 -27.34 -10.91
CA ASP D 226 -43.84 -28.37 -11.10
C ASP D 226 -44.41 -28.34 -12.51
N TYR D 227 -44.57 -29.50 -13.15
CA TYR D 227 -45.14 -29.57 -14.50
C TYR D 227 -46.65 -29.70 -14.41
N ASP D 228 -47.39 -28.74 -14.99
CA ASP D 228 -48.86 -28.76 -15.00
C ASP D 228 -49.37 -29.45 -16.27
N GLU D 229 -49.99 -30.63 -16.16
CA GLU D 229 -50.50 -31.38 -17.32
C GLU D 229 -51.73 -30.75 -17.99
N GLY D 230 -52.47 -29.95 -17.25
CA GLY D 230 -53.65 -29.28 -17.80
C GLY D 230 -53.28 -28.16 -18.75
N LEU D 231 -52.23 -27.38 -18.41
CA LEU D 231 -51.78 -26.24 -19.21
C LEU D 231 -50.53 -26.51 -20.07
N GLY D 232 -49.83 -27.61 -19.80
CA GLY D 232 -48.62 -27.99 -20.52
C GLY D 232 -47.43 -27.10 -20.24
N VAL D 233 -47.42 -26.39 -19.10
CA VAL D 233 -46.35 -25.46 -18.77
C VAL D 233 -45.62 -25.79 -17.46
N TRP D 234 -44.44 -25.17 -17.21
CA TRP D 234 -43.72 -25.38 -15.96
C TRP D 234 -44.00 -24.22 -15.01
N ILE D 235 -44.45 -24.54 -13.78
CA ILE D 235 -44.83 -23.54 -12.80
C ILE D 235 -43.93 -23.52 -11.59
N CYS D 236 -43.35 -22.36 -11.33
CA CYS D 236 -42.54 -22.08 -10.17
C CYS D 236 -43.49 -21.42 -9.17
N PRO D 237 -43.54 -21.91 -7.93
CA PRO D 237 -44.44 -21.28 -6.95
C PRO D 237 -44.17 -19.81 -6.67
N GLU D 238 -42.94 -19.33 -6.93
CA GLU D 238 -42.57 -17.94 -6.70
C GLU D 238 -42.61 -17.09 -7.94
N HIS D 239 -42.28 -17.65 -9.12
CA HIS D 239 -42.19 -16.86 -10.33
C HIS D 239 -43.22 -17.20 -11.42
N GLY D 240 -44.10 -18.15 -11.17
CA GLY D 240 -45.13 -18.54 -12.12
C GLY D 240 -44.63 -19.38 -13.28
N GLU D 241 -45.15 -19.12 -14.49
CA GLU D 241 -44.74 -19.88 -15.67
C GLU D 241 -43.30 -19.57 -16.07
N VAL D 242 -42.41 -20.54 -15.89
CA VAL D 242 -40.99 -20.35 -16.18
C VAL D 242 -40.45 -21.43 -17.14
N GLN D 243 -39.27 -21.16 -17.74
CA GLN D 243 -38.57 -22.11 -18.57
C GLN D 243 -37.59 -22.83 -17.64
N PRO D 244 -37.79 -24.13 -17.42
CA PRO D 244 -36.94 -24.85 -16.46
C PRO D 244 -35.51 -25.12 -16.91
N ILE D 245 -34.59 -25.11 -15.95
CA ILE D 245 -33.19 -25.43 -16.16
C ILE D 245 -32.86 -26.69 -15.37
N LYS D 246 -31.95 -27.54 -15.88
CA LYS D 246 -31.59 -28.79 -15.17
C LYS D 246 -30.57 -28.50 -14.08
N MET D 247 -30.92 -28.79 -12.83
CA MET D 247 -30.02 -28.56 -11.69
C MET D 247 -29.43 -29.89 -11.16
N THR D 248 -28.10 -29.96 -11.13
CA THR D 248 -27.41 -31.17 -10.65
C THR D 248 -27.24 -31.16 -9.12
N ILE D 249 -27.48 -32.32 -8.46
CA ILE D 249 -27.27 -32.48 -7.01
C ILE D 249 -26.27 -33.57 -6.78
N LEU D 250 -25.20 -33.25 -6.06
CA LEU D 250 -24.16 -34.21 -5.72
C LEU D 250 -23.98 -34.33 -4.21
N ASP D 251 -24.32 -35.51 -3.66
CA ASP D 251 -24.17 -35.74 -2.24
C ASP D 251 -23.05 -36.74 -2.02
N PHE D 252 -22.07 -36.36 -1.22
CA PHE D 252 -20.88 -37.19 -0.97
C PHE D 252 -20.34 -36.95 0.45
N GLY D 253 -19.28 -37.66 0.83
CA GLY D 253 -18.66 -37.47 2.14
C GLY D 253 -17.23 -37.00 1.99
N LEU D 254 -16.71 -36.31 2.99
CA LEU D 254 -15.35 -35.82 2.94
C LEU D 254 -14.62 -36.13 4.21
N ASP D 255 -13.37 -36.63 4.10
CA ASP D 255 -12.57 -36.99 5.26
C ASP D 255 -11.27 -36.22 5.35
N ASP D 256 -10.96 -35.62 6.52
CA ASP D 256 -9.71 -34.87 6.65
C ASP D 256 -8.65 -35.49 7.59
N GLY D 257 -8.88 -36.71 8.06
CA GLY D 257 -7.92 -37.38 8.95
C GLY D 257 -8.20 -37.22 10.42
N THR D 258 -8.99 -36.16 10.77
CA THR D 258 -9.49 -35.85 12.12
C THR D 258 -11.02 -35.97 12.22
N GLY D 259 -11.73 -36.18 11.11
CA GLY D 259 -13.18 -36.31 11.13
C GLY D 259 -13.80 -36.62 9.78
N TYR D 260 -15.12 -36.84 9.72
CA TYR D 260 -15.83 -37.10 8.48
C TYR D 260 -17.06 -36.20 8.41
N ILE D 261 -17.37 -35.57 7.23
CA ILE D 261 -18.57 -34.72 7.10
C ILE D 261 -19.30 -34.94 5.74
N ARG D 262 -20.64 -34.90 5.74
CA ARG D 262 -21.39 -35.07 4.48
C ARG D 262 -21.32 -33.75 3.74
N VAL D 263 -21.27 -33.77 2.40
CA VAL D 263 -21.17 -32.57 1.55
C VAL D 263 -22.19 -32.60 0.39
N THR D 264 -22.79 -31.43 0.08
CA THR D 264 -23.73 -31.31 -1.03
C THR D 264 -23.31 -30.16 -1.96
N LEU D 265 -23.19 -30.46 -3.26
CA LEU D 265 -22.84 -29.48 -4.29
C LEU D 265 -24.01 -29.31 -5.25
N PHE D 266 -24.18 -28.09 -5.80
CA PHE D 266 -25.30 -27.83 -6.69
C PHE D 266 -24.90 -27.23 -8.03
N GLY D 267 -25.66 -27.59 -9.05
CA GLY D 267 -25.53 -27.11 -10.43
C GLY D 267 -24.16 -27.13 -11.06
N ASP D 268 -23.67 -25.95 -11.40
CA ASP D 268 -22.41 -25.71 -12.07
C ASP D 268 -21.21 -26.27 -11.26
N ASP D 269 -21.22 -26.14 -9.92
CA ASP D 269 -20.13 -26.68 -9.09
C ASP D 269 -20.10 -28.21 -9.14
N ALA D 270 -21.29 -28.83 -9.10
CA ALA D 270 -21.43 -30.27 -9.12
C ALA D 270 -21.06 -30.82 -10.50
N GLU D 271 -21.49 -30.14 -11.57
CA GLU D 271 -21.23 -30.54 -12.95
C GLU D 271 -19.72 -30.50 -13.24
N GLU D 272 -19.02 -29.50 -12.67
CA GLU D 272 -17.57 -29.27 -12.79
C GLU D 272 -16.83 -30.43 -12.14
N LEU D 273 -17.29 -30.86 -10.97
CA LEU D 273 -16.67 -31.98 -10.26
C LEU D 273 -16.96 -33.30 -10.92
N LEU D 274 -18.20 -33.50 -11.37
CA LEU D 274 -18.60 -34.74 -12.00
C LEU D 274 -18.05 -34.93 -13.41
N GLY D 275 -17.86 -33.85 -14.13
CA GLY D 275 -17.37 -33.92 -15.50
C GLY D 275 -18.35 -34.55 -16.47
N VAL D 276 -19.65 -34.43 -16.18
CA VAL D 276 -20.73 -34.93 -17.03
C VAL D 276 -21.83 -33.85 -17.06
N SER D 277 -22.46 -33.63 -18.23
CA SER D 277 -23.52 -32.64 -18.39
C SER D 277 -24.81 -33.02 -17.65
N PRO D 278 -25.59 -32.04 -17.13
CA PRO D 278 -26.85 -32.38 -16.43
C PRO D 278 -27.87 -33.07 -17.33
N GLU D 279 -27.86 -32.76 -18.63
CA GLU D 279 -28.77 -33.38 -19.62
C GLU D 279 -28.45 -34.86 -19.77
N GLU D 280 -27.14 -35.22 -19.73
CA GLU D 280 -26.65 -36.60 -19.82
C GLU D 280 -27.04 -37.37 -18.55
N ILE D 281 -26.94 -36.71 -17.37
CA ILE D 281 -27.32 -37.32 -16.09
C ILE D 281 -28.83 -37.58 -16.08
N ALA D 282 -29.63 -36.64 -16.60
CA ALA D 282 -31.09 -36.79 -16.67
C ALA D 282 -31.47 -38.00 -17.51
N GLU D 283 -30.75 -38.23 -18.62
CA GLU D 283 -30.98 -39.35 -19.51
C GLU D 283 -30.70 -40.68 -18.81
N LYS D 284 -29.61 -40.74 -18.04
CA LYS D 284 -29.23 -41.94 -17.28
C LYS D 284 -30.20 -42.23 -16.13
N ILE D 285 -30.72 -41.17 -15.49
CA ILE D 285 -31.72 -41.28 -14.42
C ILE D 285 -33.02 -41.87 -15.00
N LYS D 286 -33.41 -41.38 -16.21
CA LYS D 286 -34.60 -41.85 -16.93
C LYS D 286 -34.50 -43.34 -17.25
N GLU D 287 -33.33 -43.80 -17.70
CA GLU D 287 -33.11 -45.21 -18.04
C GLU D 287 -33.29 -46.10 -16.81
N LEU D 288 -32.79 -45.64 -15.65
CA LEU D 288 -32.87 -46.36 -14.40
C LEU D 288 -34.32 -46.41 -13.89
N GLU D 289 -35.04 -45.30 -14.00
CA GLU D 289 -36.44 -45.22 -13.56
C GLU D 289 -37.35 -46.12 -14.39
N GLU D 290 -37.10 -46.18 -15.72
CA GLU D 290 -37.84 -47.03 -16.63
C GLU D 290 -37.73 -48.51 -16.24
N SER D 291 -36.57 -48.90 -15.67
CA SER D 291 -36.30 -50.28 -15.26
C SER D 291 -37.06 -50.73 -13.99
N GLY D 292 -37.77 -49.81 -13.34
CA GLY D 292 -38.54 -50.14 -12.14
C GLY D 292 -38.00 -49.55 -10.85
N LEU D 293 -37.11 -48.57 -10.96
CA LEU D 293 -36.53 -47.92 -9.78
C LEU D 293 -37.23 -46.55 -9.56
N THR D 294 -37.34 -46.14 -8.30
CA THR D 294 -37.90 -44.82 -7.99
C THR D 294 -36.80 -43.76 -8.21
N THR D 295 -37.13 -42.47 -8.05
CA THR D 295 -36.17 -41.39 -8.20
C THR D 295 -35.04 -41.54 -7.15
N LYS D 296 -35.41 -41.91 -5.91
CA LYS D 296 -34.49 -42.11 -4.79
C LYS D 296 -33.47 -43.25 -5.08
N GLU D 297 -33.99 -44.39 -5.56
CA GLU D 297 -33.22 -45.59 -5.91
C GLU D 297 -32.29 -45.36 -7.10
N ALA D 298 -32.80 -44.66 -8.12
CA ALA D 298 -32.02 -44.37 -9.31
C ALA D 298 -30.85 -43.42 -9.00
N ALA D 299 -31.05 -42.44 -8.10
CA ALA D 299 -30.00 -41.48 -7.72
C ALA D 299 -28.83 -42.15 -6.98
N ARG D 300 -29.13 -43.11 -6.09
CA ARG D 300 -28.10 -43.84 -5.35
C ARG D 300 -27.34 -44.77 -6.29
N LYS D 301 -28.07 -45.46 -7.19
CA LYS D 301 -27.46 -46.37 -8.16
C LYS D 301 -26.47 -45.68 -9.13
N LEU D 302 -26.85 -44.52 -9.69
CA LEU D 302 -26.00 -43.78 -10.62
C LEU D 302 -24.71 -43.28 -9.94
N ALA D 303 -24.81 -42.91 -8.66
CA ALA D 303 -23.65 -42.46 -7.90
C ALA D 303 -22.66 -43.61 -7.73
N GLU D 304 -23.13 -44.82 -7.42
CA GLU D 304 -22.27 -45.98 -7.22
C GLU D 304 -21.74 -46.56 -8.52
N ASP D 305 -22.55 -46.60 -9.57
CA ASP D 305 -22.16 -47.23 -10.82
C ASP D 305 -21.33 -46.39 -11.77
N GLU D 306 -21.54 -45.08 -11.80
CA GLU D 306 -20.83 -44.24 -12.76
C GLU D 306 -19.91 -43.18 -12.16
N PHE D 307 -20.24 -42.73 -10.95
CA PHE D 307 -19.45 -41.67 -10.34
C PHE D 307 -18.61 -42.11 -9.16
N TYR D 308 -18.31 -43.41 -9.08
CA TYR D 308 -17.43 -43.97 -8.04
C TYR D 308 -15.97 -43.55 -8.24
N ASN D 309 -15.59 -43.19 -9.49
CA ASN D 309 -14.26 -42.73 -9.87
C ASN D 309 -13.86 -41.47 -9.13
N ILE D 310 -14.85 -40.66 -8.68
CA ILE D 310 -14.53 -39.42 -7.98
C ILE D 310 -13.98 -39.67 -6.56
N ILE D 311 -14.23 -40.86 -5.99
CA ILE D 311 -13.78 -41.19 -4.64
C ILE D 311 -12.26 -41.30 -4.61
N GLY D 312 -11.65 -40.77 -3.56
CA GLY D 312 -10.20 -40.78 -3.37
C GLY D 312 -9.49 -39.49 -3.77
N ARG D 313 -10.24 -38.56 -4.39
CA ARG D 313 -9.77 -37.27 -4.84
C ARG D 313 -9.67 -36.27 -3.66
N GLU D 314 -8.52 -35.55 -3.51
CA GLU D 314 -8.35 -34.54 -2.45
C GLU D 314 -8.84 -33.18 -2.98
N ILE D 315 -9.80 -32.54 -2.26
CA ILE D 315 -10.38 -31.26 -2.64
C ILE D 315 -10.53 -30.30 -1.44
N VAL D 316 -10.79 -29.01 -1.73
CA VAL D 316 -11.05 -27.97 -0.73
C VAL D 316 -12.48 -27.50 -0.93
N VAL D 317 -13.31 -27.67 0.12
CA VAL D 317 -14.71 -27.24 0.09
C VAL D 317 -14.96 -26.11 1.05
N ARG D 318 -15.82 -25.20 0.63
CA ARG D 318 -16.19 -24.06 1.44
C ARG D 318 -17.68 -23.99 1.49
N GLY D 319 -18.21 -23.85 2.69
CA GLY D 319 -19.65 -23.76 2.85
C GLY D 319 -20.05 -23.60 4.28
N ASN D 320 -21.37 -23.67 4.47
CA ASN D 320 -21.99 -23.58 5.76
C ASN D 320 -22.50 -24.98 6.19
N VAL D 321 -22.39 -25.30 7.50
CA VAL D 321 -22.77 -26.59 8.08
C VAL D 321 -24.18 -26.54 8.69
N ILE D 322 -25.12 -27.30 8.13
CA ILE D 322 -26.47 -27.40 8.67
C ILE D 322 -26.63 -28.75 9.37
N GLU D 323 -27.40 -28.82 10.47
CA GLU D 323 -27.58 -30.10 11.17
C GLU D 323 -28.93 -30.77 10.86
N ASP D 324 -28.87 -31.89 10.12
CA ASP D 324 -30.05 -32.66 9.78
C ASP D 324 -30.46 -33.49 10.99
N ARG D 325 -31.78 -33.55 11.25
CA ARG D 325 -32.43 -34.20 12.38
C ARG D 325 -32.25 -35.70 12.46
N PHE D 326 -31.47 -36.29 11.54
CA PHE D 326 -31.11 -37.72 11.52
C PHE D 326 -29.85 -37.99 10.71
N LEU D 327 -29.61 -37.22 9.64
CA LEU D 327 -28.40 -37.41 8.82
C LEU D 327 -27.14 -36.80 9.46
N GLY D 328 -27.31 -35.92 10.45
CA GLY D 328 -26.22 -35.27 11.16
C GLY D 328 -25.75 -34.01 10.48
N LEU D 329 -24.49 -33.63 10.65
CA LEU D 329 -23.94 -32.44 10.02
C LEU D 329 -23.77 -32.60 8.50
N ILE D 330 -24.40 -31.71 7.72
CA ILE D 330 -24.28 -31.68 6.27
C ILE D 330 -23.67 -30.36 5.86
N LEU D 331 -22.55 -30.41 5.16
CA LEU D 331 -21.88 -29.22 4.68
C LEU D 331 -22.42 -28.85 3.31
N ARG D 332 -23.19 -27.77 3.25
CA ARG D 332 -23.72 -27.27 1.99
C ARG D 332 -22.60 -26.44 1.35
N ALA D 333 -21.84 -27.07 0.42
CA ALA D 333 -20.73 -26.39 -0.22
C ALA D 333 -21.14 -25.38 -1.30
N SER D 334 -20.79 -24.11 -1.07
CA SER D 334 -21.03 -23.01 -2.02
C SER D 334 -20.08 -23.11 -3.21
N SER D 335 -18.86 -23.62 -2.97
CA SER D 335 -17.80 -23.79 -3.96
C SER D 335 -16.85 -24.94 -3.55
N TRP D 336 -16.13 -25.42 -4.54
CA TRP D 336 -15.09 -26.42 -4.36
C TRP D 336 -13.93 -26.01 -5.25
N GLU D 337 -12.72 -26.38 -4.85
CA GLU D 337 -11.56 -26.07 -5.66
C GLU D 337 -10.46 -27.07 -5.43
N ASP D 338 -9.52 -27.12 -6.36
CA ASP D 338 -8.39 -28.02 -6.22
C ASP D 338 -7.46 -27.54 -5.12
N VAL D 339 -6.80 -28.49 -4.48
CA VAL D 339 -5.89 -28.20 -3.38
C VAL D 339 -4.66 -27.40 -3.85
N ASP D 340 -4.32 -26.32 -3.14
CA ASP D 340 -3.10 -25.60 -3.45
C ASP D 340 -2.07 -26.24 -2.56
N TYR D 341 -1.27 -27.12 -3.13
CA TYR D 341 -0.29 -27.90 -2.41
C TYR D 341 0.75 -27.07 -1.66
N ARG D 342 1.24 -25.95 -2.23
CA ARG D 342 2.22 -25.11 -1.54
C ARG D 342 1.62 -24.44 -0.31
N ARG D 343 0.35 -24.02 -0.39
CA ARG D 343 -0.36 -23.40 0.73
C ARG D 343 -0.51 -24.40 1.87
N GLU D 344 -0.86 -25.66 1.53
CA GLU D 344 -1.04 -26.73 2.49
C GLU D 344 0.25 -27.13 3.13
N ILE D 345 1.34 -27.21 2.37
CA ILE D 345 2.65 -27.55 2.91
C ILE D 345 3.11 -26.47 3.91
N GLU D 346 2.83 -25.19 3.62
CA GLU D 346 3.18 -24.08 4.51
C GLU D 346 2.43 -24.19 5.85
N ARG D 347 1.18 -24.63 5.81
CA ARG D 347 0.38 -24.82 7.02
C ARG D 347 1.02 -25.90 7.89
N ILE D 348 1.47 -27.00 7.25
CA ILE D 348 2.14 -28.13 7.91
C ILE D 348 3.48 -27.74 8.49
N LYS D 349 4.22 -26.88 7.78
CA LYS D 349 5.50 -26.37 8.28
C LYS D 349 5.29 -25.55 9.54
N GLU D 350 4.18 -24.78 9.62
CA GLU D 350 3.83 -23.99 10.80
C GLU D 350 3.60 -24.94 11.97
N GLU D 351 2.89 -26.05 11.73
CA GLU D 351 2.60 -27.02 12.77
C GLU D 351 3.88 -27.71 13.24
N LEU D 352 4.80 -28.02 12.31
CA LEU D 352 6.08 -28.66 12.62
C LEU D 352 6.97 -27.75 13.45
N GLU D 353 6.95 -26.46 13.16
CA GLU D 353 7.71 -25.48 13.91
C GLU D 353 7.19 -25.42 15.36
N LYS D 354 5.85 -25.53 15.55
CA LYS D 354 5.20 -25.54 16.86
C LYS D 354 5.58 -26.79 17.67
N LEU D 355 5.89 -27.90 16.98
CA LEU D 355 6.31 -29.14 17.63
C LEU D 355 7.81 -29.21 17.94
N GLY D 356 8.59 -28.25 17.46
CA GLY D 356 10.03 -28.23 17.72
C GLY D 356 10.82 -29.08 16.75
N VAL D 357 10.35 -29.13 15.52
CA VAL D 357 11.02 -29.87 14.46
C VAL D 357 11.99 -28.91 13.77
N MET D 358 11.52 -27.72 13.41
CA MET D 358 12.34 -26.72 12.75
C MET D 358 12.54 -25.52 13.67
N LYS F 4 -22.22 -42.57 14.06
CA LYS F 4 -20.88 -42.01 13.77
C LYS F 4 -20.13 -42.74 12.61
N ARG F 5 -19.05 -42.10 12.08
CA ARG F 5 -18.07 -42.58 11.08
C ARG F 5 -16.72 -41.98 11.43
N MET F 6 -15.86 -42.78 12.08
CA MET F 6 -14.50 -42.44 12.52
C MET F 6 -13.55 -42.00 11.35
N PRO F 7 -12.34 -41.41 11.62
CA PRO F 7 -11.50 -40.93 10.51
C PRO F 7 -10.56 -41.95 9.85
N ALA F 8 -10.13 -41.64 8.62
CA ALA F 8 -9.15 -42.46 7.93
C ALA F 8 -7.81 -41.84 8.29
N THR F 9 -6.93 -42.59 8.95
CA THR F 9 -5.64 -42.06 9.39
C THR F 9 -4.55 -42.12 8.31
N ARG F 10 -3.88 -41.00 8.06
CA ARG F 10 -2.83 -40.93 7.06
C ARG F 10 -1.60 -41.52 7.66
N LEU F 11 -1.11 -42.61 7.04
CA LEU F 11 0.04 -43.37 7.54
C LEU F 11 0.96 -43.85 6.46
N TYR F 12 2.17 -44.23 6.87
CA TYR F 12 3.13 -44.88 6.01
C TYR F 12 2.66 -46.32 5.89
N ILE F 13 2.89 -46.97 4.74
CA ILE F 13 2.51 -48.37 4.57
C ILE F 13 3.23 -49.25 5.60
N LYS F 14 4.49 -48.90 5.94
CA LYS F 14 5.29 -49.60 6.95
C LYS F 14 4.57 -49.66 8.29
N ASP F 15 3.96 -48.57 8.70
CA ASP F 15 3.23 -48.50 9.97
C ASP F 15 2.01 -49.42 9.98
N ILE F 16 1.37 -49.59 8.82
CA ILE F 16 0.22 -50.48 8.71
C ILE F 16 0.73 -51.89 8.79
N LEU F 17 1.76 -52.23 7.98
CA LEU F 17 2.33 -53.57 7.91
C LEU F 17 2.87 -54.06 9.25
N GLU F 18 3.55 -53.22 9.99
CA GLU F 18 4.10 -53.57 11.29
C GLU F 18 3.08 -53.54 12.43
N GLY F 19 1.86 -53.11 12.17
CA GLY F 19 0.83 -53.02 13.18
C GLY F 19 0.26 -54.34 13.68
N TYR F 20 -0.66 -54.25 14.60
CA TYR F 20 -1.30 -55.41 15.19
C TYR F 20 -2.79 -55.34 14.85
N PHE F 21 -3.24 -56.15 13.89
CA PHE F 21 -4.65 -56.15 13.49
C PHE F 21 -5.52 -56.71 14.60
N VAL F 22 -6.67 -56.09 14.84
CA VAL F 22 -7.60 -56.53 15.86
C VAL F 22 -8.94 -56.85 15.26
N LYS F 23 -9.32 -58.13 15.30
CA LYS F 23 -10.58 -58.58 14.75
C LYS F 23 -11.62 -58.44 15.82
N SER F 24 -12.66 -57.66 15.52
CA SER F 24 -13.76 -57.47 16.45
C SER F 24 -14.66 -58.76 16.39
N GLU F 25 -15.01 -59.36 17.56
CA GLU F 25 -15.83 -60.57 17.61
C GLU F 25 -17.29 -60.37 17.20
N GLY F 26 -17.77 -59.15 17.29
CA GLY F 26 -19.13 -58.83 16.90
C GLY F 26 -19.27 -58.74 15.38
N ASP F 27 -20.42 -59.21 14.87
CA ASP F 27 -20.74 -59.19 13.45
C ASP F 27 -20.94 -57.78 12.87
N PHE F 28 -21.11 -56.78 13.74
CA PHE F 28 -21.30 -55.40 13.32
C PHE F 28 -20.13 -54.50 13.73
N GLU F 29 -19.23 -54.95 14.63
CA GLU F 29 -18.15 -54.11 15.12
C GLU F 29 -17.05 -53.97 14.09
N PRO F 30 -16.53 -52.73 13.87
CA PRO F 30 -15.46 -52.56 12.87
C PRO F 30 -14.12 -53.08 13.33
N ASN F 31 -13.38 -53.67 12.39
CA ASN F 31 -12.06 -54.16 12.71
C ASN F 31 -11.14 -52.95 12.73
N TYR F 32 -10.05 -53.04 13.50
CA TYR F 32 -9.10 -51.93 13.59
C TYR F 32 -7.66 -52.45 13.75
N LEU F 33 -6.67 -51.57 13.67
CA LEU F 33 -5.28 -51.94 13.80
C LEU F 33 -4.64 -51.05 14.84
N ILE F 34 -3.70 -51.58 15.60
CA ILE F 34 -2.97 -50.78 16.57
C ILE F 34 -1.53 -50.75 16.14
N THR F 35 -1.03 -49.57 15.76
CA THR F 35 0.37 -49.44 15.31
C THR F 35 1.37 -49.62 16.48
N LYS F 36 2.67 -49.75 16.15
CA LYS F 36 3.72 -49.84 17.15
C LYS F 36 3.80 -48.61 18.06
N TYR F 37 3.25 -47.47 17.62
CA TYR F 37 3.24 -46.24 18.40
C TYR F 37 1.88 -46.02 19.08
N ALA F 38 1.16 -47.11 19.38
CA ALA F 38 -0.16 -47.11 20.04
C ALA F 38 -1.20 -46.24 19.33
N ARG F 39 -1.30 -46.34 17.99
CA ARG F 39 -2.30 -45.58 17.26
C ARG F 39 -3.42 -46.51 16.80
N LYS F 40 -4.65 -46.25 17.26
CA LYS F 40 -5.79 -47.08 16.88
C LYS F 40 -6.29 -46.56 15.56
N VAL F 41 -6.28 -47.42 14.57
CA VAL F 41 -6.62 -47.03 13.21
C VAL F 41 -7.77 -47.87 12.66
N TYR F 42 -8.88 -47.25 12.30
CA TYR F 42 -10.02 -47.97 11.74
C TYR F 42 -9.95 -47.98 10.22
N ARG F 43 -9.56 -46.82 9.64
CA ARG F 43 -9.41 -46.67 8.18
C ARG F 43 -8.04 -46.10 7.83
N ALA F 44 -7.48 -46.49 6.68
CA ALA F 44 -6.17 -46.01 6.25
C ALA F 44 -6.24 -45.10 5.02
N LYS F 45 -5.38 -44.08 4.97
CA LYS F 45 -5.29 -43.12 3.88
C LYS F 45 -3.86 -43.10 3.50
N ILE F 46 -3.49 -43.70 2.33
CA ILE F 46 -2.10 -43.82 1.82
C ILE F 46 -1.90 -43.23 0.41
N VAL F 47 -0.67 -42.79 0.08
CA VAL F 47 -0.36 -42.24 -1.25
C VAL F 47 0.88 -42.95 -1.80
N GLY F 48 0.71 -43.66 -2.91
CA GLY F 48 1.81 -44.39 -3.54
C GLY F 48 1.66 -44.62 -5.04
N THR F 49 2.53 -45.44 -5.60
CA THR F 49 2.51 -45.73 -7.02
C THR F 49 1.97 -47.15 -7.25
N VAL F 50 1.14 -47.31 -8.31
CA VAL F 50 0.64 -48.62 -8.69
C VAL F 50 1.79 -49.30 -9.36
N VAL F 51 2.32 -50.38 -8.79
CA VAL F 51 3.54 -50.98 -9.33
C VAL F 51 3.34 -52.05 -10.40
N ARG F 52 2.16 -52.64 -10.46
CA ARG F 52 1.88 -53.69 -11.43
C ARG F 52 0.55 -53.45 -12.10
N GLU F 53 0.35 -53.97 -13.33
CA GLU F 53 -0.96 -53.87 -13.98
C GLU F 53 -2.00 -54.60 -13.09
N PRO F 54 -3.20 -54.05 -12.89
CA PRO F 54 -4.14 -54.67 -11.94
C PRO F 54 -4.44 -56.17 -12.25
N LEU F 55 -5.00 -56.84 -11.26
CA LEU F 55 -5.38 -58.23 -11.41
C LEU F 55 -6.86 -58.31 -11.29
N ILE F 56 -7.52 -58.61 -12.41
CA ILE F 56 -8.95 -58.81 -12.36
C ILE F 56 -9.19 -60.28 -12.56
N ALA F 57 -9.90 -60.93 -11.62
CA ALA F 57 -10.27 -62.34 -11.73
C ALA F 57 -11.20 -62.46 -12.97
N GLU F 58 -11.03 -63.52 -13.78
CA GLU F 58 -11.83 -63.73 -15.00
C GLU F 58 -13.34 -63.66 -14.71
N ASP F 59 -13.76 -64.29 -13.58
CA ASP F 59 -15.13 -64.32 -13.09
C ASP F 59 -15.59 -63.01 -12.41
N GLU F 60 -14.76 -61.97 -12.44
CA GLU F 60 -15.01 -60.65 -11.88
C GLU F 60 -15.48 -60.67 -10.44
N THR F 61 -15.02 -61.66 -9.67
CA THR F 61 -15.38 -61.74 -8.26
C THR F 61 -14.50 -60.83 -7.40
N TYR F 62 -13.25 -60.58 -7.84
CA TYR F 62 -12.35 -59.69 -7.13
C TYR F 62 -11.41 -59.02 -8.09
N GLY F 63 -10.94 -57.86 -7.69
CA GLY F 63 -10.01 -57.04 -8.43
C GLY F 63 -9.02 -56.48 -7.43
N LYS F 64 -7.74 -56.51 -7.79
CA LYS F 64 -6.70 -56.00 -6.89
C LYS F 64 -5.53 -55.27 -7.62
N PHE F 65 -4.82 -54.41 -6.88
CA PHE F 65 -3.70 -53.65 -7.41
C PHE F 65 -2.72 -53.35 -6.29
N GLN F 66 -1.44 -53.19 -6.64
CA GLN F 66 -0.41 -53.01 -5.64
C GLN F 66 0.06 -51.57 -5.51
N VAL F 67 0.24 -51.11 -4.28
CA VAL F 67 0.69 -49.73 -4.06
C VAL F 67 2.00 -49.68 -3.25
N ASP F 68 2.99 -48.94 -3.77
CA ASP F 68 4.26 -48.77 -3.08
C ASP F 68 4.46 -47.28 -2.73
N ASP F 69 4.76 -46.99 -1.46
CA ASP F 69 4.99 -45.61 -1.04
C ASP F 69 6.41 -45.29 -0.65
N GLY F 70 7.32 -46.25 -0.78
CA GLY F 70 8.71 -46.04 -0.39
C GLY F 70 9.06 -46.67 0.95
N THR F 71 8.08 -46.69 1.87
CA THR F 71 8.26 -47.33 3.17
C THR F 71 7.65 -48.76 3.24
N GLY F 72 6.86 -49.14 2.24
CA GLY F 72 6.25 -50.46 2.20
C GLY F 72 5.42 -50.69 0.98
N VAL F 73 5.05 -51.97 0.78
CA VAL F 73 4.22 -52.34 -0.35
C VAL F 73 2.98 -53.06 0.14
N ILE F 74 1.77 -52.60 -0.27
CA ILE F 74 0.52 -53.21 0.19
C ILE F 74 -0.48 -53.51 -0.96
N TRP F 75 -1.32 -54.53 -0.78
CA TRP F 75 -2.31 -54.87 -1.77
C TRP F 75 -3.60 -54.17 -1.47
N VAL F 76 -4.31 -53.75 -2.52
CA VAL F 76 -5.59 -53.05 -2.38
C VAL F 76 -6.68 -53.84 -3.11
N LEU F 77 -7.70 -54.27 -2.37
CA LEU F 77 -8.75 -55.14 -2.88
C LEU F 77 -10.15 -54.65 -2.89
N GLY F 78 -10.82 -54.94 -4.00
CA GLY F 78 -12.21 -54.61 -4.24
C GLY F 78 -12.92 -55.86 -4.71
N PHE F 79 -14.06 -56.21 -4.07
CA PHE F 79 -14.81 -57.45 -4.34
C PHE F 79 -16.16 -57.21 -5.00
N ARG F 80 -16.58 -58.18 -5.84
CA ARG F 80 -17.86 -58.17 -6.56
C ARG F 80 -17.93 -57.04 -7.62
N ASP F 81 -18.75 -56.01 -7.40
CA ASP F 81 -18.84 -54.86 -8.29
C ASP F 81 -17.74 -53.90 -7.94
N ASP F 82 -17.26 -53.87 -6.65
CA ASP F 82 -16.13 -53.06 -6.20
C ASP F 82 -14.84 -53.33 -6.99
N THR F 83 -14.80 -54.43 -7.76
CA THR F 83 -13.73 -54.72 -8.70
C THR F 83 -13.45 -53.51 -9.65
N LYS F 84 -14.47 -52.63 -9.85
CA LYS F 84 -14.44 -51.42 -10.65
C LYS F 84 -13.32 -50.50 -10.27
N PHE F 85 -12.98 -50.45 -8.97
CA PHE F 85 -11.91 -49.63 -8.41
C PHE F 85 -10.55 -50.04 -8.99
N ALA F 86 -10.32 -51.36 -9.09
CA ALA F 86 -9.09 -51.88 -9.65
C ALA F 86 -9.02 -51.62 -11.15
N LYS F 87 -10.15 -51.62 -11.86
CA LYS F 87 -10.17 -51.36 -13.29
C LYS F 87 -9.77 -49.92 -13.61
N LEU F 88 -10.05 -48.96 -12.68
CA LEU F 88 -9.73 -47.54 -12.84
C LEU F 88 -8.25 -47.28 -12.99
N VAL F 89 -7.43 -47.98 -12.21
CA VAL F 89 -6.01 -47.73 -12.20
C VAL F 89 -5.25 -48.59 -13.22
N ARG F 90 -4.01 -48.22 -13.46
CA ARG F 90 -3.10 -48.84 -14.39
C ARG F 90 -1.70 -48.82 -13.80
N LYS F 91 -0.79 -49.63 -14.32
CA LYS F 91 0.59 -49.68 -13.83
C LYS F 91 1.23 -48.35 -14.00
N GLY F 92 1.82 -47.84 -12.94
CA GLY F 92 2.51 -46.56 -13.03
C GLY F 92 1.77 -45.36 -12.46
N ASP F 93 0.46 -45.47 -12.24
CA ASP F 93 -0.32 -44.35 -11.71
C ASP F 93 0.07 -43.99 -10.28
N LEU F 94 0.14 -42.71 -10.00
CA LEU F 94 0.46 -42.23 -8.66
C LEU F 94 -0.92 -41.98 -8.05
N VAL F 95 -1.30 -42.73 -7.02
CA VAL F 95 -2.66 -42.63 -6.48
C VAL F 95 -2.74 -42.43 -4.97
N GLN F 96 -3.92 -41.97 -4.49
CA GLN F 96 -4.25 -41.84 -3.08
C GLN F 96 -5.35 -42.85 -2.83
N VAL F 97 -5.17 -43.68 -1.79
CA VAL F 97 -6.11 -44.71 -1.43
C VAL F 97 -6.67 -44.54 -0.02
N ILE F 98 -7.99 -44.68 0.12
CA ILE F 98 -8.70 -44.69 1.41
C ILE F 98 -9.48 -46.00 1.50
N GLY F 99 -9.45 -46.65 2.65
CA GLY F 99 -10.19 -47.89 2.82
C GLY F 99 -10.09 -48.48 4.20
N LYS F 100 -10.68 -49.65 4.38
CA LYS F 100 -10.62 -50.32 5.67
C LYS F 100 -9.42 -51.24 5.68
N ILE F 101 -8.69 -51.28 6.78
CA ILE F 101 -7.57 -52.19 6.93
C ILE F 101 -8.14 -53.62 7.14
N ALA F 102 -7.57 -54.60 6.44
CA ALA F 102 -7.94 -56.00 6.55
C ALA F 102 -6.68 -56.85 6.72
N GLU F 103 -6.81 -58.06 7.25
CA GLU F 103 -5.66 -58.95 7.41
C GLU F 103 -6.02 -60.29 6.82
N TRP F 104 -5.24 -60.69 5.83
CA TRP F 104 -5.49 -61.95 5.16
C TRP F 104 -4.19 -62.69 5.07
N ARG F 105 -4.18 -63.92 5.60
CA ARG F 105 -2.99 -64.75 5.64
C ARG F 105 -1.88 -64.07 6.42
N ASP F 106 -2.25 -63.45 7.56
CA ASP F 106 -1.37 -62.70 8.45
C ASP F 106 -0.62 -61.56 7.73
N ASP F 107 -1.17 -61.07 6.63
CA ASP F 107 -0.60 -59.95 5.91
C ASP F 107 -1.65 -58.88 5.83
N LYS F 108 -1.30 -57.66 6.30
CA LYS F 108 -2.26 -56.56 6.29
C LYS F 108 -2.46 -56.08 4.88
N GLN F 109 -3.69 -55.68 4.57
CA GLN F 109 -4.04 -55.14 3.26
C GLN F 109 -5.13 -54.05 3.36
N ILE F 110 -5.47 -53.39 2.22
CA ILE F 110 -6.48 -52.35 2.24
C ILE F 110 -7.70 -52.73 1.39
N LEU F 111 -8.88 -52.75 2.01
CA LEU F 111 -10.14 -53.04 1.35
C LEU F 111 -10.57 -51.70 0.82
N VAL F 112 -10.38 -51.50 -0.49
CA VAL F 112 -10.64 -50.26 -1.18
C VAL F 112 -12.02 -49.70 -0.96
N GLU F 113 -12.07 -48.45 -0.50
CA GLU F 113 -13.29 -47.65 -0.38
C GLU F 113 -13.25 -46.55 -1.51
N GLY F 114 -12.04 -46.07 -1.86
CA GLY F 114 -11.78 -45.11 -2.93
C GLY F 114 -10.33 -45.05 -3.37
N VAL F 115 -10.11 -44.91 -4.71
CA VAL F 115 -8.77 -44.77 -5.31
C VAL F 115 -8.81 -43.75 -6.44
N SER F 116 -7.89 -42.76 -6.43
CA SER F 116 -7.87 -41.77 -7.49
C SER F 116 -6.48 -41.25 -7.71
N LYS F 117 -6.17 -40.92 -8.99
CA LYS F 117 -4.89 -40.41 -9.44
C LYS F 117 -4.62 -39.07 -8.80
N VAL F 118 -3.38 -38.84 -8.39
CA VAL F 118 -3.00 -37.58 -7.75
C VAL F 118 -1.83 -36.88 -8.44
N HIS F 119 -1.70 -35.55 -8.22
CA HIS F 119 -0.60 -34.78 -8.77
C HIS F 119 0.64 -35.07 -7.97
N PRO F 120 1.86 -35.05 -8.57
CA PRO F 120 3.07 -35.33 -7.76
C PRO F 120 3.22 -34.50 -6.48
N ASN F 121 2.67 -33.27 -6.45
CA ASN F 121 2.70 -32.41 -5.26
C ASN F 121 1.79 -32.91 -4.15
N MET F 122 0.78 -33.71 -4.49
CA MET F 122 -0.06 -34.35 -3.50
C MET F 122 0.78 -35.41 -2.79
N TRP F 123 1.64 -36.16 -3.51
CA TRP F 123 2.53 -37.14 -2.87
C TRP F 123 3.44 -36.43 -1.85
N ILE F 124 3.94 -35.23 -2.21
CA ILE F 124 4.77 -34.42 -1.32
C ILE F 124 3.94 -33.95 -0.11
N LEU F 125 2.73 -33.44 -0.34
CA LEU F 125 1.83 -33.01 0.73
C LEU F 125 1.55 -34.19 1.72
N HIS F 126 1.33 -35.40 1.16
CA HIS F 126 1.07 -36.63 1.91
C HIS F 126 2.22 -36.95 2.83
N ARG F 127 3.46 -36.84 2.33
CA ARG F 127 4.62 -37.14 3.13
C ARG F 127 4.78 -36.19 4.28
N TYR F 128 4.48 -34.90 4.05
CA TYR F 128 4.56 -33.82 5.03
C TYR F 128 3.50 -34.04 6.12
N GLU F 129 2.26 -34.34 5.72
CA GLU F 129 1.18 -34.59 6.66
C GLU F 129 1.43 -35.83 7.49
N THR F 130 1.94 -36.90 6.85
CA THR F 130 2.18 -38.19 7.50
C THR F 130 3.20 -38.03 8.61
N LEU F 131 4.27 -37.28 8.33
CA LEU F 131 5.31 -37.05 9.31
C LEU F 131 4.84 -36.17 10.47
N LYS F 132 4.08 -35.09 10.15
CA LYS F 132 3.51 -34.17 11.15
C LYS F 132 2.60 -34.94 12.12
N GLU F 133 1.66 -35.72 11.60
CA GLU F 133 0.74 -36.49 12.41
C GLU F 133 1.47 -37.51 13.27
N LYS F 134 2.51 -38.14 12.71
CA LYS F 134 3.30 -39.14 13.42
C LYS F 134 3.98 -38.54 14.64
N ILE F 135 4.62 -37.39 14.48
CA ILE F 135 5.30 -36.71 15.59
C ILE F 135 4.29 -36.30 16.68
N GLU F 136 3.14 -35.74 16.26
CA GLU F 136 2.05 -35.31 17.15
C GLU F 136 1.59 -36.49 18.01
N HIS F 137 1.36 -37.64 17.37
CA HIS F 137 0.89 -38.84 18.02
C HIS F 137 1.90 -39.43 19.00
N ILE F 138 3.18 -39.55 18.59
CA ILE F 138 4.25 -40.12 19.41
C ILE F 138 4.45 -39.35 20.70
N LYS F 139 4.48 -38.03 20.61
CA LYS F 139 4.66 -37.21 21.78
C LYS F 139 3.50 -37.35 22.76
N LYS F 140 2.27 -37.46 22.25
CA LYS F 140 1.08 -37.63 23.09
C LYS F 140 1.06 -39.02 23.72
N ALA F 141 1.44 -40.05 22.96
CA ALA F 141 1.48 -41.42 23.43
C ALA F 141 2.58 -41.61 24.49
N LYS F 142 3.69 -40.85 24.40
CA LYS F 142 4.80 -40.94 25.36
C LYS F 142 4.35 -40.46 26.74
N ILE F 143 3.60 -39.36 26.78
CA ILE F 143 3.07 -38.83 28.03
C ILE F 143 2.01 -39.79 28.60
N ALA F 144 1.13 -40.33 27.74
CA ALA F 144 0.08 -41.28 28.11
C ALA F 144 0.65 -42.59 28.66
N LEU F 145 1.81 -43.04 28.12
CA LEU F 145 2.48 -44.25 28.59
C LEU F 145 3.01 -44.06 30.01
N GLU F 146 3.53 -42.87 30.33
CA GLU F 146 4.02 -42.55 31.68
C GLU F 146 2.87 -42.57 32.68
N ILE F 147 1.70 -42.05 32.29
CA ILE F 147 0.50 -42.03 33.11
C ILE F 147 0.05 -43.47 33.36
N TYR F 148 0.06 -44.32 32.32
CA TYR F 148 -0.32 -45.74 32.42
C TYR F 148 0.62 -46.53 33.33
N ASN F 149 1.93 -46.29 33.23
CA ASN F 149 2.91 -47.00 34.06
C ASN F 149 2.82 -46.60 35.55
N GLN F 150 2.41 -45.35 35.81
CA GLN F 150 2.30 -44.86 37.18
C GLN F 150 0.95 -45.18 37.83
N TYR F 151 -0.17 -44.98 37.11
CA TYR F 151 -1.50 -45.18 37.68
C TYR F 151 -2.36 -46.27 37.05
N GLY F 152 -2.11 -46.60 35.79
CA GLY F 152 -2.92 -47.59 35.07
C GLY F 152 -4.20 -46.96 34.55
N ILE F 153 -5.26 -47.76 34.40
CA ILE F 153 -6.55 -47.22 33.94
C ILE F 153 -7.48 -46.98 35.12
N THR F 154 -7.32 -45.83 35.77
CA THR F 154 -8.12 -45.44 36.92
C THR F 154 -8.83 -44.11 36.67
N ALA F 155 -9.80 -43.74 37.52
CA ALA F 155 -10.52 -42.47 37.41
C ALA F 155 -9.56 -41.27 37.57
N LYS F 156 -8.50 -41.44 38.40
CA LYS F 156 -7.49 -40.41 38.64
C LYS F 156 -6.62 -40.20 37.38
N SER F 157 -6.21 -41.28 36.72
CA SER F 157 -5.39 -41.20 35.51
C SER F 157 -6.15 -40.59 34.33
N LYS F 158 -7.48 -40.78 34.25
CA LYS F 158 -8.33 -40.22 33.19
C LYS F 158 -8.43 -38.70 33.30
N VAL F 159 -8.46 -38.19 34.53
CA VAL F 159 -8.51 -36.75 34.80
C VAL F 159 -7.15 -36.14 34.42
N ILE F 160 -6.04 -36.81 34.80
CA ILE F 160 -4.68 -36.36 34.49
C ILE F 160 -4.44 -36.34 32.97
N ALA F 161 -4.96 -37.36 32.26
CA ALA F 161 -4.85 -37.45 30.80
C ALA F 161 -5.57 -36.30 30.11
N LYS F 162 -6.79 -35.95 30.55
CA LYS F 162 -7.55 -34.84 29.97
C LYS F 162 -6.83 -33.51 30.14
N ASN F 163 -6.21 -33.30 31.33
CA ASN F 163 -5.45 -32.09 31.65
C ASN F 163 -4.25 -31.90 30.74
N LYS F 164 -3.62 -33.00 30.33
CA LYS F 164 -2.45 -32.95 29.46
C LYS F 164 -2.77 -33.05 27.94
N GLY F 165 -4.05 -32.93 27.57
CA GLY F 165 -4.49 -32.99 26.18
C GLY F 165 -4.49 -34.37 25.56
N ILE F 166 -4.62 -35.40 26.39
CA ILE F 166 -4.63 -36.79 25.95
C ILE F 166 -6.05 -37.38 26.07
N GLU F 167 -6.52 -38.06 25.01
CA GLU F 167 -7.83 -38.68 25.03
C GLU F 167 -7.84 -39.93 25.90
N GLU F 168 -8.97 -40.19 26.57
CA GLU F 168 -9.13 -41.35 27.45
C GLU F 168 -8.90 -42.66 26.68
N GLU F 169 -9.35 -42.69 25.42
CA GLU F 169 -9.20 -43.85 24.55
C GLU F 169 -7.75 -44.27 24.40
N LEU F 170 -6.80 -43.32 24.43
CA LEU F 170 -5.37 -43.60 24.28
C LEU F 170 -4.81 -44.50 25.37
N LEU F 171 -5.30 -44.35 26.60
CA LEU F 171 -4.86 -45.20 27.70
C LEU F 171 -5.33 -46.65 27.50
N GLU F 172 -6.55 -46.83 26.96
CA GLU F 172 -7.12 -48.14 26.67
C GLU F 172 -6.33 -48.85 25.55
N VAL F 173 -5.89 -48.07 24.55
CA VAL F 173 -5.10 -48.57 23.43
C VAL F 173 -3.76 -49.10 23.96
N ILE F 174 -3.12 -48.37 24.88
CA ILE F 174 -1.85 -48.77 25.49
C ILE F 174 -2.03 -50.10 26.24
N ASP F 175 -3.09 -50.21 27.04
CA ASP F 175 -3.40 -51.41 27.80
C ASP F 175 -3.65 -52.60 26.89
N GLU F 176 -4.40 -52.37 25.80
CA GLU F 176 -4.71 -53.40 24.83
C GLU F 176 -3.44 -53.86 24.11
N LEU F 177 -2.54 -52.91 23.76
CA LEU F 177 -1.26 -53.19 23.10
C LEU F 177 -0.35 -54.01 24.00
N TYR F 178 -0.34 -53.69 25.32
CA TYR F 178 0.43 -54.44 26.30
C TYR F 178 -0.10 -55.88 26.42
N GLY F 179 -1.42 -56.04 26.34
CA GLY F 179 -2.08 -57.35 26.36
C GLY F 179 -1.75 -58.18 25.14
N ILE F 180 -1.64 -57.54 23.95
CA ILE F 180 -1.29 -58.18 22.67
C ILE F 180 0.18 -58.64 22.71
N MET F 181 1.06 -57.77 23.18
CA MET F 181 2.49 -58.06 23.27
C MET F 181 2.85 -58.85 24.52
N VAL G 10 9.46 -66.98 -0.31
CA VAL G 10 8.57 -65.80 -0.38
C VAL G 10 9.35 -64.48 -0.69
N ARG G 11 9.59 -64.18 -1.99
CA ARG G 11 10.28 -62.95 -2.36
C ARG G 11 9.29 -61.78 -2.49
N ARG G 12 8.87 -61.18 -1.35
CA ARG G 12 7.94 -60.03 -1.32
C ARG G 12 8.55 -58.84 -2.05
N ARG G 13 7.71 -58.05 -2.78
CA ARG G 13 8.24 -56.93 -3.56
C ARG G 13 8.92 -55.90 -2.69
N LYS G 14 10.20 -55.68 -2.97
CA LYS G 14 11.04 -54.75 -2.22
C LYS G 14 10.62 -53.34 -2.60
N PRO G 15 10.23 -52.49 -1.63
CA PRO G 15 9.82 -51.13 -1.98
C PRO G 15 10.96 -50.34 -2.62
N ALA G 16 10.62 -49.42 -3.51
CA ALA G 16 11.63 -48.64 -4.20
C ALA G 16 12.28 -47.69 -3.25
N VAL G 17 13.58 -47.81 -3.12
CA VAL G 17 14.35 -46.98 -2.23
C VAL G 17 14.66 -45.66 -2.90
N GLU G 18 14.27 -44.57 -2.26
CA GLU G 18 14.51 -43.24 -2.79
C GLU G 18 15.96 -42.87 -2.65
N ARG G 19 16.61 -42.54 -3.77
CA ARG G 19 18.02 -42.17 -3.82
C ARG G 19 18.28 -41.00 -4.80
N LYS G 20 19.46 -40.42 -4.73
CA LYS G 20 19.97 -39.48 -5.73
C LYS G 20 20.92 -40.36 -6.59
N ILE G 21 21.13 -39.99 -7.87
CA ILE G 21 21.99 -40.78 -8.75
C ILE G 21 23.38 -41.00 -8.16
N SER G 22 23.97 -39.94 -7.53
CA SER G 22 25.30 -39.97 -6.89
C SER G 22 25.36 -40.79 -5.58
N GLU G 23 24.19 -41.11 -4.97
CA GLU G 23 24.12 -41.85 -3.70
C GLU G 23 23.69 -43.30 -3.83
N ILE G 24 23.65 -43.83 -5.06
CA ILE G 24 23.24 -45.22 -5.25
C ILE G 24 24.23 -46.18 -4.62
N ARG G 25 23.74 -47.11 -3.79
CA ARG G 25 24.60 -48.08 -3.11
C ARG G 25 24.67 -49.45 -3.80
N GLU G 26 25.73 -50.22 -3.53
CA GLU G 26 25.95 -51.56 -4.10
C GLU G 26 24.85 -52.55 -3.74
N GLU G 27 24.37 -52.47 -2.50
CA GLU G 27 23.33 -53.34 -1.97
C GLU G 27 21.90 -52.99 -2.48
N ASP G 28 21.72 -51.82 -3.14
CA ASP G 28 20.43 -51.40 -3.70
C ASP G 28 20.05 -52.21 -4.93
N THR G 29 18.83 -52.77 -4.93
CA THR G 29 18.34 -53.56 -6.06
C THR G 29 17.17 -52.82 -6.76
N ARG G 30 16.32 -52.07 -6.02
CA ARG G 30 15.23 -51.30 -6.65
C ARG G 30 15.23 -49.89 -6.13
N VAL G 31 15.35 -48.90 -7.03
CA VAL G 31 15.45 -47.49 -6.63
C VAL G 31 14.42 -46.54 -7.28
N SER G 32 14.25 -45.35 -6.68
CA SER G 32 13.38 -44.30 -7.15
C SER G 32 14.25 -43.08 -7.40
N LEU G 33 14.40 -42.62 -8.65
CA LEU G 33 15.23 -41.45 -9.02
C LEU G 33 14.37 -40.37 -9.65
N ILE G 34 14.69 -39.09 -9.48
CA ILE G 34 13.88 -38.01 -10.05
C ILE G 34 14.76 -37.03 -10.77
N GLY G 35 14.57 -36.85 -12.07
CA GLY G 35 15.40 -35.93 -12.83
C GLY G 35 14.86 -35.36 -14.13
N ARG G 36 15.73 -34.79 -14.95
CA ARG G 36 15.36 -34.21 -16.22
C ARG G 36 15.97 -35.02 -17.30
N VAL G 37 15.21 -35.29 -18.36
CA VAL G 37 15.68 -36.02 -19.53
C VAL G 37 16.54 -35.06 -20.39
N ILE G 38 17.71 -35.53 -20.75
CA ILE G 38 18.64 -34.76 -21.55
C ILE G 38 18.89 -35.42 -22.93
N LYS G 39 18.60 -36.72 -23.09
CA LYS G 39 18.80 -37.39 -24.38
C LYS G 39 17.93 -38.61 -24.45
N VAL G 40 17.29 -38.85 -25.60
CA VAL G 40 16.43 -40.02 -25.81
C VAL G 40 16.91 -40.79 -27.05
N ASP G 41 17.25 -42.07 -26.90
CA ASP G 41 17.62 -42.92 -28.01
C ASP G 41 16.39 -43.77 -28.31
N LYS G 42 15.64 -43.39 -29.36
CA LYS G 42 14.42 -44.06 -29.79
C LYS G 42 14.65 -45.39 -30.49
N MET G 43 15.89 -45.87 -30.65
CA MET G 43 16.13 -47.15 -31.30
C MET G 43 16.58 -48.22 -30.32
N ASP G 44 17.38 -47.83 -29.34
CA ASP G 44 17.77 -48.76 -28.30
C ASP G 44 16.89 -48.65 -27.04
N TYR G 45 15.86 -47.77 -27.10
CA TYR G 45 14.90 -47.50 -26.05
C TYR G 45 15.58 -47.13 -24.77
N MET G 46 16.49 -46.17 -24.84
CA MET G 46 17.21 -45.72 -23.66
C MET G 46 17.18 -44.25 -23.55
N PHE G 47 17.27 -43.72 -22.34
CA PHE G 47 17.30 -42.28 -22.16
C PHE G 47 18.22 -41.86 -21.02
N TRP G 48 18.72 -40.64 -21.09
CA TRP G 48 19.66 -40.07 -20.16
C TRP G 48 18.94 -39.15 -19.16
N LEU G 49 19.01 -39.50 -17.86
CA LEU G 49 18.34 -38.74 -16.82
C LEU G 49 19.35 -38.00 -15.93
N ASP G 50 19.20 -36.68 -15.81
CA ASP G 50 20.09 -35.87 -14.98
C ASP G 50 19.28 -35.31 -13.83
N ASP G 51 19.67 -35.61 -12.58
CA ASP G 51 18.97 -35.12 -11.38
C ASP G 51 19.63 -33.88 -10.68
N GLY G 52 20.79 -33.49 -11.17
CA GLY G 52 21.59 -32.44 -10.56
C GLY G 52 22.81 -33.04 -9.90
N THR G 53 22.71 -34.29 -9.42
CA THR G 53 23.83 -34.99 -8.77
C THR G 53 24.57 -35.98 -9.67
N GLY G 54 24.01 -36.28 -10.84
CA GLY G 54 24.60 -37.22 -11.77
C GLY G 54 23.71 -37.53 -12.96
N VAL G 55 24.22 -38.38 -13.85
CA VAL G 55 23.47 -38.78 -15.02
C VAL G 55 23.37 -40.30 -15.05
N ALA G 56 22.13 -40.81 -15.15
CA ALA G 56 21.94 -42.24 -15.21
C ALA G 56 21.36 -42.66 -16.54
N ILE G 57 21.79 -43.82 -17.05
CA ILE G 57 21.30 -44.32 -18.31
C ILE G 57 20.15 -45.18 -17.98
N ILE G 58 18.95 -44.78 -18.40
CA ILE G 58 17.71 -45.52 -18.13
C ILE G 58 17.25 -46.33 -19.33
N GLU G 59 17.24 -47.65 -19.20
CA GLU G 59 16.78 -48.52 -20.25
C GLU G 59 15.28 -48.72 -20.03
N SER G 60 14.45 -48.34 -21.02
CA SER G 60 13.01 -48.44 -20.91
C SER G 60 12.49 -49.55 -21.83
N GLU G 61 11.37 -50.19 -21.42
CA GLU G 61 10.81 -51.27 -22.24
C GLU G 61 9.85 -50.73 -23.29
N SER G 62 9.02 -49.78 -22.92
CA SER G 62 8.00 -49.27 -23.82
C SER G 62 7.77 -47.76 -23.77
N ASP G 63 7.83 -47.17 -22.56
CA ASP G 63 7.60 -45.74 -22.41
C ASP G 63 8.88 -44.96 -22.53
N LEU G 64 8.93 -44.07 -23.52
CA LEU G 64 10.08 -43.21 -23.70
C LEU G 64 9.62 -41.81 -23.43
N PRO G 65 10.30 -41.08 -22.54
CA PRO G 65 9.89 -39.71 -22.28
C PRO G 65 10.36 -38.74 -23.39
N LYS G 66 10.12 -37.43 -23.20
CA LYS G 66 10.59 -36.43 -24.14
C LYS G 66 11.83 -35.73 -23.55
N VAL G 67 12.64 -35.14 -24.43
CA VAL G 67 13.82 -34.40 -24.01
C VAL G 67 13.38 -33.14 -23.32
N GLY G 68 13.97 -32.93 -22.16
CA GLY G 68 13.67 -31.78 -21.33
C GLY G 68 12.53 -31.99 -20.35
N GLN G 69 11.89 -33.17 -20.39
CA GLN G 69 10.79 -33.50 -19.50
C GLN G 69 11.35 -33.88 -18.13
N VAL G 70 10.71 -33.40 -17.05
CA VAL G 70 11.10 -33.82 -15.71
C VAL G 70 10.33 -35.12 -15.39
N VAL G 71 11.03 -36.21 -15.09
CA VAL G 71 10.38 -37.50 -14.82
C VAL G 71 10.88 -38.19 -13.51
N ARG G 72 10.04 -39.07 -12.92
CA ARG G 72 10.43 -39.87 -11.78
C ARG G 72 10.50 -41.27 -12.27
N VAL G 73 11.60 -41.93 -12.04
CA VAL G 73 11.82 -43.28 -12.50
C VAL G 73 11.96 -44.26 -11.33
N ILE G 74 11.25 -45.38 -11.37
CA ILE G 74 11.37 -46.45 -10.38
C ILE G 74 11.90 -47.59 -11.18
N GLY G 75 13.07 -48.10 -10.82
CA GLY G 75 13.64 -49.19 -11.60
C GLY G 75 14.57 -50.11 -10.87
N ARG G 76 14.89 -51.23 -11.50
CA ARG G 76 15.84 -52.18 -10.95
C ARG G 76 17.20 -51.80 -11.48
N ILE G 77 18.19 -51.91 -10.61
CA ILE G 77 19.53 -51.60 -11.00
C ILE G 77 20.15 -52.82 -11.68
N ILE G 78 20.81 -52.57 -12.81
CA ILE G 78 21.53 -53.56 -13.60
C ILE G 78 23.03 -53.27 -13.57
N ARG G 79 23.81 -54.19 -13.00
CA ARG G 79 25.25 -54.02 -12.90
C ARG G 79 25.96 -54.97 -13.84
N ASN G 80 26.54 -54.40 -14.91
CA ASN G 80 27.28 -55.15 -15.91
C ASN G 80 28.67 -54.53 -16.19
N GLU G 81 29.43 -55.15 -17.13
CA GLU G 81 30.75 -54.70 -17.57
C GLU G 81 30.71 -53.31 -18.24
N GLU G 82 29.56 -52.93 -18.84
CA GLU G 82 29.36 -51.60 -19.47
C GLU G 82 29.03 -50.45 -18.45
N GLY G 83 28.75 -50.83 -17.21
CA GLY G 83 28.43 -49.92 -16.13
C GLY G 83 27.15 -50.28 -15.42
N ILE G 84 26.56 -49.27 -14.77
CA ILE G 84 25.34 -49.40 -14.02
C ILE G 84 24.21 -48.64 -14.72
N HIS G 85 23.26 -49.39 -15.23
CA HIS G 85 22.09 -48.82 -15.88
C HIS G 85 20.82 -49.25 -15.14
N ILE G 86 19.77 -48.45 -15.29
CA ILE G 86 18.54 -48.73 -14.60
C ILE G 86 17.55 -49.27 -15.57
N TYR G 87 16.97 -50.43 -15.29
CA TYR G 87 15.93 -50.97 -16.12
C TYR G 87 14.63 -50.40 -15.55
N ALA G 88 14.06 -49.38 -16.21
CA ALA G 88 12.87 -48.67 -15.76
C ALA G 88 11.62 -49.50 -15.71
N GLU G 89 10.97 -49.45 -14.54
CA GLU G 89 9.70 -50.14 -14.30
C GLU G 89 8.57 -49.14 -14.38
N VAL G 90 8.74 -47.98 -13.74
CA VAL G 90 7.73 -46.94 -13.76
C VAL G 90 8.40 -45.63 -14.10
N ILE G 91 7.82 -44.89 -15.03
CA ILE G 91 8.32 -43.58 -15.43
C ILE G 91 7.12 -42.65 -15.27
N GLN G 92 7.18 -41.67 -14.37
CA GLN G 92 6.05 -40.77 -14.15
C GLN G 92 6.38 -39.33 -14.53
N ASP G 93 5.41 -38.57 -15.04
CA ASP G 93 5.67 -37.17 -15.39
C ASP G 93 5.75 -36.26 -14.15
N PHE G 94 6.95 -35.83 -13.80
CA PHE G 94 7.17 -34.96 -12.64
C PHE G 94 7.41 -33.52 -13.06
N SER G 95 6.78 -33.09 -14.17
CA SER G 95 7.02 -31.78 -14.74
C SER G 95 6.54 -30.63 -13.89
N ASP G 96 5.40 -30.77 -13.21
CA ASP G 96 4.92 -29.68 -12.33
C ASP G 96 5.27 -29.92 -10.87
N ALA G 97 6.17 -30.86 -10.56
CA ALA G 97 6.52 -31.18 -9.20
C ALA G 97 7.49 -30.21 -8.58
N ASP G 98 7.19 -29.78 -7.35
CA ASP G 98 8.02 -28.87 -6.56
C ASP G 98 9.16 -29.67 -5.96
N LEU G 99 10.27 -29.81 -6.71
CA LEU G 99 11.41 -30.58 -6.23
C LEU G 99 12.11 -29.96 -5.03
N GLU G 100 11.94 -28.63 -4.81
CA GLU G 100 12.48 -27.88 -3.68
C GLU G 100 11.80 -28.40 -2.39
N ALA G 101 10.46 -28.55 -2.44
CA ALA G 101 9.67 -29.05 -1.34
C ALA G 101 9.99 -30.52 -1.10
N LEU G 102 10.16 -31.30 -2.17
CA LEU G 102 10.51 -32.72 -2.06
C LEU G 102 11.85 -32.92 -1.37
N GLU G 103 12.83 -32.09 -1.74
CA GLU G 103 14.17 -32.14 -1.16
C GLU G 103 14.10 -31.83 0.34
N GLU G 104 13.27 -30.84 0.72
CA GLU G 104 13.09 -30.43 2.11
C GLU G 104 12.43 -31.51 2.95
N ILE G 105 11.47 -32.26 2.39
CA ILE G 105 10.82 -33.33 3.13
C ILE G 105 11.71 -34.53 3.27
N ARG G 106 12.59 -34.81 2.27
CA ARG G 106 13.57 -35.90 2.31
C ARG G 106 14.55 -35.69 3.48
N GLU G 107 14.98 -34.42 3.70
CA GLU G 107 15.88 -34.05 4.80
C GLU G 107 15.16 -34.15 6.16
N LEU G 108 13.87 -33.79 6.21
CA LEU G 108 13.07 -33.88 7.42
C LEU G 108 12.87 -35.33 7.84
N GLU G 109 12.62 -36.20 6.88
CA GLU G 109 12.46 -37.63 7.16
C GLU G 109 13.77 -38.25 7.62
N ARG G 110 14.90 -37.86 7.01
CA ARG G 110 16.24 -38.35 7.35
C ARG G 110 16.61 -38.01 8.80
N LYS G 111 16.22 -36.83 9.27
CA LYS G 111 16.55 -36.37 10.60
C LYS G 111 15.60 -36.91 11.66
N LEU G 112 14.30 -36.82 11.41
CA LEU G 112 13.29 -37.14 12.41
C LEU G 112 12.84 -38.59 12.51
N LEU G 113 12.77 -39.36 11.40
CA LEU G 113 12.31 -40.75 11.46
C LEU G 113 13.10 -41.67 12.40
N PRO G 114 14.45 -41.64 12.38
CA PRO G 114 15.21 -42.49 13.32
C PRO G 114 15.02 -42.12 14.79
N ARG G 115 14.79 -40.82 15.08
CA ARG G 115 14.57 -40.34 16.44
C ARG G 115 13.22 -40.77 16.98
N LEU G 116 12.19 -40.76 16.13
CA LEU G 116 10.83 -41.16 16.50
C LEU G 116 10.77 -42.63 16.89
N GLU G 117 11.47 -43.50 16.11
CA GLU G 117 11.51 -44.93 16.38
C GLU G 117 12.24 -45.24 17.69
N GLY G 118 13.31 -44.47 17.97
CA GLY G 118 14.13 -44.62 19.17
C GLY G 118 13.55 -44.07 20.46
N GLU G 119 12.39 -43.39 20.37
CA GLU G 119 11.72 -42.85 21.55
C GLU G 119 10.93 -43.90 22.36
N ILE G 120 10.77 -45.12 21.82
CA ILE G 120 10.00 -46.20 22.45
C ILE G 120 10.74 -46.86 23.65
N VAL G 121 10.31 -46.48 24.88
CA VAL G 121 10.83 -46.97 26.16
C VAL G 121 9.66 -47.62 26.95
N TRP G 122 9.20 -48.83 26.51
CA TRP G 122 8.06 -49.56 27.12
C TRP G 122 8.24 -49.83 28.62
ZN ZN H . 38.35 16.41 4.00
ZN ZN I . -38.61 -19.33 -9.16
#